data_142D
# 
_entry.id   142D 
# 
_audit_conform.dict_name       mmcif_pdbx.dic 
_audit_conform.dict_version    5.392 
_audit_conform.dict_location   http://mmcif.pdb.org/dictionaries/ascii/mmcif_pdbx.dic 
# 
loop_
_database_2.database_id 
_database_2.database_code 
_database_2.pdbx_database_accession 
_database_2.pdbx_DOI 
PDB   142D         pdb_0000142d 10.2210/pdb142d/pdb 
WWPDB D_1000170098 ?            ?                   
# 
loop_
_pdbx_audit_revision_history.ordinal 
_pdbx_audit_revision_history.data_content_type 
_pdbx_audit_revision_history.major_revision 
_pdbx_audit_revision_history.minor_revision 
_pdbx_audit_revision_history.revision_date 
1 'Structure model' 1 0 1994-04-30 
2 'Structure model' 1 1 2008-03-24 
3 'Structure model' 1 2 2011-07-13 
4 'Structure model' 1 3 2022-02-16 
5 'Structure model' 1 4 2024-05-22 
# 
_pdbx_audit_revision_details.ordinal             1 
_pdbx_audit_revision_details.revision_ordinal    1 
_pdbx_audit_revision_details.data_content_type   'Structure model' 
_pdbx_audit_revision_details.provider            repository 
_pdbx_audit_revision_details.type                'Initial release' 
_pdbx_audit_revision_details.description         ? 
_pdbx_audit_revision_details.details             ? 
# 
loop_
_pdbx_audit_revision_group.ordinal 
_pdbx_audit_revision_group.revision_ordinal 
_pdbx_audit_revision_group.data_content_type 
_pdbx_audit_revision_group.group 
1 2 'Structure model' 'Version format compliance' 
2 3 'Structure model' 'Version format compliance' 
3 4 'Structure model' 'Database references'       
4 4 'Structure model' 'Derived calculations'      
5 4 'Structure model' Other                       
6 5 'Structure model' 'Data collection'           
# 
loop_
_pdbx_audit_revision_category.ordinal 
_pdbx_audit_revision_category.revision_ordinal 
_pdbx_audit_revision_category.data_content_type 
_pdbx_audit_revision_category.category 
1 4 'Structure model' database_2            
2 4 'Structure model' pdbx_database_status  
3 4 'Structure model' pdbx_struct_assembly  
4 4 'Structure model' pdbx_struct_oper_list 
5 5 'Structure model' chem_comp_atom        
6 5 'Structure model' chem_comp_bond        
# 
loop_
_pdbx_audit_revision_item.ordinal 
_pdbx_audit_revision_item.revision_ordinal 
_pdbx_audit_revision_item.data_content_type 
_pdbx_audit_revision_item.item 
1 4 'Structure model' '_database_2.pdbx_DOI'                
2 4 'Structure model' '_database_2.pdbx_database_accession' 
3 4 'Structure model' '_pdbx_database_status.process_site'  
# 
_pdbx_database_status.status_code                     REL 
_pdbx_database_status.entry_id                        142D 
_pdbx_database_status.recvd_initial_deposition_date   1993-09-24 
_pdbx_database_status.deposit_site                    ? 
_pdbx_database_status.process_site                    BNL 
_pdbx_database_status.SG_entry                        . 
_pdbx_database_status.status_code_sf                  ? 
_pdbx_database_status.status_code_mr                  ? 
_pdbx_database_status.pdb_format_compatible           Y 
_pdbx_database_status.status_code_cs                  ? 
_pdbx_database_status.status_code_nmr_data            ? 
_pdbx_database_status.methods_development_category    ? 
# 
loop_
_pdbx_database_related.db_name 
_pdbx_database_related.db_id 
_pdbx_database_related.details 
_pdbx_database_related.content_type 
PDB 140D '1 STRUCTURE (A DNA USED AS STARTING STRUCTURE)' unspecified 
PDB 141D '1 STRUCTURE (B DNA USED AS STARTING STRUCTURE)' ensemble    
# 
loop_
_audit_author.name 
_audit_author.pdbx_ordinal 
'Mujeeb, A.'  1 
'James, T.L.' 2 
# 
_citation.id                        primary 
_citation.title                     
;Solution structure of a conserved DNA sequence from the HIV-1 genome: restrained molecular dynamics simulation with distance and torsion angle restraints derived from two-dimensional NMR spectra.
;
_citation.journal_abbrev            Biochemistry 
_citation.journal_volume            32 
_citation.page_first                13419 
_citation.page_last                 13431 
_citation.year                      1993 
_citation.journal_id_ASTM           BICHAW 
_citation.country                   US 
_citation.journal_id_ISSN           0006-2960 
_citation.journal_id_CSD            0033 
_citation.book_publisher            ? 
_citation.pdbx_database_id_PubMed   8257678 
_citation.pdbx_database_id_DOI      10.1021/bi00212a007 
# 
loop_
_citation_author.citation_id 
_citation_author.name 
_citation_author.ordinal 
_citation_author.identifier_ORCID 
primary 'Mujeeb, A.'   1 ? 
primary 'Kerwin, S.M.' 2 ? 
primary 'Kenyon, G.L.' 3 ? 
primary 'James, T.L.'  4 ? 
# 
loop_
_entity.id 
_entity.type 
_entity.src_method 
_entity.pdbx_description 
_entity.formula_weight 
_entity.pdbx_number_of_molecules 
_entity.pdbx_ec 
_entity.pdbx_mutation 
_entity.pdbx_fragment 
_entity.details 
1 polymer syn 
;DNA (5'-D(*AP*GP*CP*TP*TP*GP*CP*CP*TP*TP*GP*AP*G)-3')
;
3982.596 1 ? ? ? ? 
2 polymer syn 
;DNA (5'-D(*CP*TP*CP*AP*AP*GP*GP*CP*AP*AP*GP*CP*T)-3')
;
3960.600 1 ? ? ? ? 
# 
loop_
_entity_poly.entity_id 
_entity_poly.type 
_entity_poly.nstd_linkage 
_entity_poly.nstd_monomer 
_entity_poly.pdbx_seq_one_letter_code 
_entity_poly.pdbx_seq_one_letter_code_can 
_entity_poly.pdbx_strand_id 
_entity_poly.pdbx_target_identifier 
1 polydeoxyribonucleotide no no '(DA)(DG)(DC)(DT)(DT)(DG)(DC)(DC)(DT)(DT)(DG)(DA)(DG)' AGCTTGCCTTGAG A ? 
2 polydeoxyribonucleotide no no '(DC)(DT)(DC)(DA)(DA)(DG)(DG)(DC)(DA)(DA)(DG)(DC)(DT)' CTCAAGGCAAGCT B ? 
# 
loop_
_entity_poly_seq.entity_id 
_entity_poly_seq.num 
_entity_poly_seq.mon_id 
_entity_poly_seq.hetero 
1 1  DA n 
1 2  DG n 
1 3  DC n 
1 4  DT n 
1 5  DT n 
1 6  DG n 
1 7  DC n 
1 8  DC n 
1 9  DT n 
1 10 DT n 
1 11 DG n 
1 12 DA n 
1 13 DG n 
2 1  DC n 
2 2  DT n 
2 3  DC n 
2 4  DA n 
2 5  DA n 
2 6  DG n 
2 7  DG n 
2 8  DC n 
2 9  DA n 
2 10 DA n 
2 11 DG n 
2 12 DC n 
2 13 DT n 
# 
loop_
_pdbx_entity_src_syn.entity_id 
_pdbx_entity_src_syn.pdbx_src_id 
_pdbx_entity_src_syn.pdbx_alt_source_flag 
_pdbx_entity_src_syn.pdbx_beg_seq_num 
_pdbx_entity_src_syn.pdbx_end_seq_num 
_pdbx_entity_src_syn.organism_scientific 
_pdbx_entity_src_syn.organism_common_name 
_pdbx_entity_src_syn.ncbi_taxonomy_id 
_pdbx_entity_src_syn.details 
1 1 sample ? ? ? ? ? 'CHEMICALLY SYNTHESIZED' 
2 1 sample ? ? ? ? ? 'CHEMICALLY SYNTHESIZED' 
# 
loop_
_chem_comp.id 
_chem_comp.type 
_chem_comp.mon_nstd_flag 
_chem_comp.name 
_chem_comp.pdbx_synonyms 
_chem_comp.formula 
_chem_comp.formula_weight 
DA 'DNA linking' y "2'-DEOXYADENOSINE-5'-MONOPHOSPHATE" ? 'C10 H14 N5 O6 P' 331.222 
DC 'DNA linking' y "2'-DEOXYCYTIDINE-5'-MONOPHOSPHATE"  ? 'C9 H14 N3 O7 P'  307.197 
DG 'DNA linking' y "2'-DEOXYGUANOSINE-5'-MONOPHOSPHATE" ? 'C10 H14 N5 O7 P' 347.221 
DT 'DNA linking' y "THYMIDINE-5'-MONOPHOSPHATE"         ? 'C10 H15 N2 O8 P' 322.208 
# 
loop_
_pdbx_poly_seq_scheme.asym_id 
_pdbx_poly_seq_scheme.entity_id 
_pdbx_poly_seq_scheme.seq_id 
_pdbx_poly_seq_scheme.mon_id 
_pdbx_poly_seq_scheme.ndb_seq_num 
_pdbx_poly_seq_scheme.pdb_seq_num 
_pdbx_poly_seq_scheme.auth_seq_num 
_pdbx_poly_seq_scheme.pdb_mon_id 
_pdbx_poly_seq_scheme.auth_mon_id 
_pdbx_poly_seq_scheme.pdb_strand_id 
_pdbx_poly_seq_scheme.pdb_ins_code 
_pdbx_poly_seq_scheme.hetero 
A 1 1  DA 1  1  1  DA A A . n 
A 1 2  DG 2  2  2  DG G A . n 
A 1 3  DC 3  3  3  DC C A . n 
A 1 4  DT 4  4  4  DT T A . n 
A 1 5  DT 5  5  5  DT T A . n 
A 1 6  DG 6  6  6  DG G A . n 
A 1 7  DC 7  7  7  DC C A . n 
A 1 8  DC 8  8  8  DC C A . n 
A 1 9  DT 9  9  9  DT T A . n 
A 1 10 DT 10 10 10 DT T A . n 
A 1 11 DG 11 11 11 DG G A . n 
A 1 12 DA 12 12 12 DA A A . n 
A 1 13 DG 13 13 13 DG G A . n 
B 2 1  DC 1  14 14 DC C B . n 
B 2 2  DT 2  15 15 DT T B . n 
B 2 3  DC 3  16 16 DC C B . n 
B 2 4  DA 4  17 17 DA A B . n 
B 2 5  DA 5  18 18 DA A B . n 
B 2 6  DG 6  19 19 DG G B . n 
B 2 7  DG 7  20 20 DG G B . n 
B 2 8  DC 8  21 21 DC C B . n 
B 2 9  DA 9  22 22 DA A B . n 
B 2 10 DA 10 23 23 DA A B . n 
B 2 11 DG 11 24 24 DG G B . n 
B 2 12 DC 12 25 25 DC C B . n 
B 2 13 DT 13 26 26 DT T B . n 
# 
_software.name             AMBER 
_software.classification   refinement 
_software.version          . 
_software.citation_id      ? 
_software.pdbx_ordinal     1 
# 
_cell.entry_id           142D 
_cell.length_a           1.000 
_cell.length_b           1.000 
_cell.length_c           1.000 
_cell.angle_alpha        90.00 
_cell.angle_beta         90.00 
_cell.angle_gamma        90.00 
_cell.Z_PDB              1 
_cell.pdbx_unique_axis   ? 
# 
_symmetry.entry_id                         142D 
_symmetry.space_group_name_H-M             'P 1' 
_symmetry.pdbx_full_space_group_name_H-M   ? 
_symmetry.cell_setting                     ? 
_symmetry.Int_Tables_number                1 
# 
_exptl.entry_id          142D 
_exptl.method            'SOLUTION NMR' 
_exptl.crystals_number   ? 
# 
_struct.entry_id                  142D 
_struct.title                     
;SOLUTION STRUCTURE OF A CONSERVED DNA SEQUENCE FROM THE HIV-1 GENOME: RESTRAINED MOLECULAR DYNAMICS SIMULATION WITH DISTANCE AND TORSION ANGLE RESTRAINTS DERIVED FROM TWO-DIMENSIONAL NMR SPECTRA
;
_struct.pdbx_model_details        ? 
_struct.pdbx_CASP_flag            ? 
_struct.pdbx_model_type_details   ? 
# 
_struct_keywords.entry_id        142D 
_struct_keywords.pdbx_keywords   DNA 
_struct_keywords.text            'DNA, DOUBLE HELIX, CONSERVED SEQUENCE OF HIV-1 GENOME' 
# 
loop_
_struct_asym.id 
_struct_asym.pdbx_blank_PDB_chainid_flag 
_struct_asym.pdbx_modified 
_struct_asym.entity_id 
_struct_asym.details 
A N N 1 ? 
B N N 2 ? 
# 
loop_
_struct_ref.id 
_struct_ref.entity_id 
_struct_ref.db_name 
_struct_ref.db_code 
_struct_ref.pdbx_db_accession 
_struct_ref.pdbx_db_isoform 
_struct_ref.pdbx_seq_one_letter_code 
_struct_ref.pdbx_align_begin 
1 1 PDB 142D 142D ? ? ? 
2 2 PDB 142D 142D ? ? ? 
# 
loop_
_struct_ref_seq.align_id 
_struct_ref_seq.ref_id 
_struct_ref_seq.pdbx_PDB_id_code 
_struct_ref_seq.pdbx_strand_id 
_struct_ref_seq.seq_align_beg 
_struct_ref_seq.pdbx_seq_align_beg_ins_code 
_struct_ref_seq.seq_align_end 
_struct_ref_seq.pdbx_seq_align_end_ins_code 
_struct_ref_seq.pdbx_db_accession 
_struct_ref_seq.db_align_beg 
_struct_ref_seq.pdbx_db_align_beg_ins_code 
_struct_ref_seq.db_align_end 
_struct_ref_seq.pdbx_db_align_end_ins_code 
_struct_ref_seq.pdbx_auth_seq_align_beg 
_struct_ref_seq.pdbx_auth_seq_align_end 
1 1 142D A 1 ? 13 ? 142D 1  ? 13 ? 1  13 
2 2 142D B 1 ? 13 ? 142D 14 ? 26 ? 14 26 
# 
_pdbx_struct_assembly.id                   1 
_pdbx_struct_assembly.details              author_defined_assembly 
_pdbx_struct_assembly.method_details       ? 
_pdbx_struct_assembly.oligomeric_details   dimeric 
_pdbx_struct_assembly.oligomeric_count     2 
# 
_pdbx_struct_assembly_gen.assembly_id       1 
_pdbx_struct_assembly_gen.oper_expression   1 
_pdbx_struct_assembly_gen.asym_id_list      A,B 
# 
_pdbx_struct_oper_list.id                   1 
_pdbx_struct_oper_list.type                 'identity operation' 
_pdbx_struct_oper_list.name                 1_555 
_pdbx_struct_oper_list.symmetry_operation   x,y,z 
_pdbx_struct_oper_list.matrix[1][1]         1.0000000000 
_pdbx_struct_oper_list.matrix[1][2]         0.0000000000 
_pdbx_struct_oper_list.matrix[1][3]         0.0000000000 
_pdbx_struct_oper_list.vector[1]            0.0000000000 
_pdbx_struct_oper_list.matrix[2][1]         0.0000000000 
_pdbx_struct_oper_list.matrix[2][2]         1.0000000000 
_pdbx_struct_oper_list.matrix[2][3]         0.0000000000 
_pdbx_struct_oper_list.vector[2]            0.0000000000 
_pdbx_struct_oper_list.matrix[3][1]         0.0000000000 
_pdbx_struct_oper_list.matrix[3][2]         0.0000000000 
_pdbx_struct_oper_list.matrix[3][3]         1.0000000000 
_pdbx_struct_oper_list.vector[3]            0.0000000000 
# 
_struct_biol.id        1 
_struct_biol.details   ? 
# 
loop_
_struct_conn.id 
_struct_conn.conn_type_id 
_struct_conn.pdbx_leaving_atom_flag 
_struct_conn.pdbx_PDB_id 
_struct_conn.ptnr1_label_asym_id 
_struct_conn.ptnr1_label_comp_id 
_struct_conn.ptnr1_label_seq_id 
_struct_conn.ptnr1_label_atom_id 
_struct_conn.pdbx_ptnr1_label_alt_id 
_struct_conn.pdbx_ptnr1_PDB_ins_code 
_struct_conn.pdbx_ptnr1_standard_comp_id 
_struct_conn.ptnr1_symmetry 
_struct_conn.ptnr2_label_asym_id 
_struct_conn.ptnr2_label_comp_id 
_struct_conn.ptnr2_label_seq_id 
_struct_conn.ptnr2_label_atom_id 
_struct_conn.pdbx_ptnr2_label_alt_id 
_struct_conn.pdbx_ptnr2_PDB_ins_code 
_struct_conn.ptnr1_auth_asym_id 
_struct_conn.ptnr1_auth_comp_id 
_struct_conn.ptnr1_auth_seq_id 
_struct_conn.ptnr2_auth_asym_id 
_struct_conn.ptnr2_auth_comp_id 
_struct_conn.ptnr2_auth_seq_id 
_struct_conn.ptnr2_symmetry 
_struct_conn.pdbx_ptnr3_label_atom_id 
_struct_conn.pdbx_ptnr3_label_seq_id 
_struct_conn.pdbx_ptnr3_label_comp_id 
_struct_conn.pdbx_ptnr3_label_asym_id 
_struct_conn.pdbx_ptnr3_label_alt_id 
_struct_conn.pdbx_ptnr3_PDB_ins_code 
_struct_conn.details 
_struct_conn.pdbx_dist_value 
_struct_conn.pdbx_value_order 
_struct_conn.pdbx_role 
hydrog1  hydrog ? ? A DA 1  N1 ? ? ? 1_555 B DT 13 N3 ? ? A DA 1  B DT 26 1_555 ? ? ? ? ? ? WATSON-CRICK ? ? ? 
hydrog2  hydrog ? ? A DA 1  N6 ? ? ? 1_555 B DT 13 O4 ? ? A DA 1  B DT 26 1_555 ? ? ? ? ? ? WATSON-CRICK ? ? ? 
hydrog3  hydrog ? ? A DG 2  N1 ? ? ? 1_555 B DC 12 N3 ? ? A DG 2  B DC 25 1_555 ? ? ? ? ? ? WATSON-CRICK ? ? ? 
hydrog4  hydrog ? ? A DG 2  N2 ? ? ? 1_555 B DC 12 O2 ? ? A DG 2  B DC 25 1_555 ? ? ? ? ? ? WATSON-CRICK ? ? ? 
hydrog5  hydrog ? ? A DG 2  O6 ? ? ? 1_555 B DC 12 N4 ? ? A DG 2  B DC 25 1_555 ? ? ? ? ? ? WATSON-CRICK ? ? ? 
hydrog6  hydrog ? ? A DC 3  N3 ? ? ? 1_555 B DG 11 N1 ? ? A DC 3  B DG 24 1_555 ? ? ? ? ? ? WATSON-CRICK ? ? ? 
hydrog7  hydrog ? ? A DC 3  N4 ? ? ? 1_555 B DG 11 O6 ? ? A DC 3  B DG 24 1_555 ? ? ? ? ? ? WATSON-CRICK ? ? ? 
hydrog8  hydrog ? ? A DC 3  O2 ? ? ? 1_555 B DG 11 N2 ? ? A DC 3  B DG 24 1_555 ? ? ? ? ? ? WATSON-CRICK ? ? ? 
hydrog9  hydrog ? ? A DT 4  N3 ? ? ? 1_555 B DA 10 N1 ? ? A DT 4  B DA 23 1_555 ? ? ? ? ? ? WATSON-CRICK ? ? ? 
hydrog10 hydrog ? ? A DT 4  O4 ? ? ? 1_555 B DA 10 N6 ? ? A DT 4  B DA 23 1_555 ? ? ? ? ? ? WATSON-CRICK ? ? ? 
hydrog11 hydrog ? ? A DT 5  N3 ? ? ? 1_555 B DA 9  N1 ? ? A DT 5  B DA 22 1_555 ? ? ? ? ? ? WATSON-CRICK ? ? ? 
hydrog12 hydrog ? ? A DT 5  O4 ? ? ? 1_555 B DA 9  N6 ? ? A DT 5  B DA 22 1_555 ? ? ? ? ? ? WATSON-CRICK ? ? ? 
hydrog13 hydrog ? ? A DG 6  N1 ? ? ? 1_555 B DC 8  N3 ? ? A DG 6  B DC 21 1_555 ? ? ? ? ? ? WATSON-CRICK ? ? ? 
hydrog14 hydrog ? ? A DG 6  N2 ? ? ? 1_555 B DC 8  O2 ? ? A DG 6  B DC 21 1_555 ? ? ? ? ? ? WATSON-CRICK ? ? ? 
hydrog15 hydrog ? ? A DG 6  O6 ? ? ? 1_555 B DC 8  N4 ? ? A DG 6  B DC 21 1_555 ? ? ? ? ? ? WATSON-CRICK ? ? ? 
hydrog16 hydrog ? ? A DC 7  N3 ? ? ? 1_555 B DG 7  N1 ? ? A DC 7  B DG 20 1_555 ? ? ? ? ? ? WATSON-CRICK ? ? ? 
hydrog17 hydrog ? ? A DC 7  N4 ? ? ? 1_555 B DG 7  O6 ? ? A DC 7  B DG 20 1_555 ? ? ? ? ? ? WATSON-CRICK ? ? ? 
hydrog18 hydrog ? ? A DC 7  O2 ? ? ? 1_555 B DG 7  N2 ? ? A DC 7  B DG 20 1_555 ? ? ? ? ? ? WATSON-CRICK ? ? ? 
hydrog19 hydrog ? ? A DC 8  N3 ? ? ? 1_555 B DG 6  N1 ? ? A DC 8  B DG 19 1_555 ? ? ? ? ? ? WATSON-CRICK ? ? ? 
hydrog20 hydrog ? ? A DC 8  N4 ? ? ? 1_555 B DG 6  O6 ? ? A DC 8  B DG 19 1_555 ? ? ? ? ? ? WATSON-CRICK ? ? ? 
hydrog21 hydrog ? ? A DC 8  O2 ? ? ? 1_555 B DG 6  N2 ? ? A DC 8  B DG 19 1_555 ? ? ? ? ? ? WATSON-CRICK ? ? ? 
hydrog22 hydrog ? ? A DT 9  N3 ? ? ? 1_555 B DA 5  N1 ? ? A DT 9  B DA 18 1_555 ? ? ? ? ? ? WATSON-CRICK ? ? ? 
hydrog23 hydrog ? ? A DT 9  O4 ? ? ? 1_555 B DA 5  N6 ? ? A DT 9  B DA 18 1_555 ? ? ? ? ? ? WATSON-CRICK ? ? ? 
hydrog24 hydrog ? ? A DT 10 N3 ? ? ? 1_555 B DA 4  N1 ? ? A DT 10 B DA 17 1_555 ? ? ? ? ? ? WATSON-CRICK ? ? ? 
hydrog25 hydrog ? ? A DT 10 O4 ? ? ? 1_555 B DA 4  N6 ? ? A DT 10 B DA 17 1_555 ? ? ? ? ? ? WATSON-CRICK ? ? ? 
hydrog26 hydrog ? ? A DG 11 N1 ? ? ? 1_555 B DC 3  N3 ? ? A DG 11 B DC 16 1_555 ? ? ? ? ? ? WATSON-CRICK ? ? ? 
hydrog27 hydrog ? ? A DG 11 N2 ? ? ? 1_555 B DC 3  O2 ? ? A DG 11 B DC 16 1_555 ? ? ? ? ? ? WATSON-CRICK ? ? ? 
hydrog28 hydrog ? ? A DG 11 O6 ? ? ? 1_555 B DC 3  N4 ? ? A DG 11 B DC 16 1_555 ? ? ? ? ? ? WATSON-CRICK ? ? ? 
hydrog29 hydrog ? ? A DA 12 N1 ? ? ? 1_555 B DT 2  N3 ? ? A DA 12 B DT 15 1_555 ? ? ? ? ? ? WATSON-CRICK ? ? ? 
hydrog30 hydrog ? ? A DA 12 N6 ? ? ? 1_555 B DT 2  O4 ? ? A DA 12 B DT 15 1_555 ? ? ? ? ? ? WATSON-CRICK ? ? ? 
hydrog31 hydrog ? ? A DG 13 N1 ? ? ? 1_555 B DC 1  N3 ? ? A DG 13 B DC 14 1_555 ? ? ? ? ? ? WATSON-CRICK ? ? ? 
hydrog32 hydrog ? ? A DG 13 N2 ? ? ? 1_555 B DC 1  O2 ? ? A DG 13 B DC 14 1_555 ? ? ? ? ? ? WATSON-CRICK ? ? ? 
hydrog33 hydrog ? ? A DG 13 O6 ? ? ? 1_555 B DC 1  N4 ? ? A DG 13 B DC 14 1_555 ? ? ? ? ? ? WATSON-CRICK ? ? ? 
# 
_struct_conn_type.id          hydrog 
_struct_conn_type.criteria    ? 
_struct_conn_type.reference   ? 
# 
loop_
_pdbx_validate_rmsd_angle.id 
_pdbx_validate_rmsd_angle.PDB_model_num 
_pdbx_validate_rmsd_angle.auth_atom_id_1 
_pdbx_validate_rmsd_angle.auth_asym_id_1 
_pdbx_validate_rmsd_angle.auth_comp_id_1 
_pdbx_validate_rmsd_angle.auth_seq_id_1 
_pdbx_validate_rmsd_angle.PDB_ins_code_1 
_pdbx_validate_rmsd_angle.label_alt_id_1 
_pdbx_validate_rmsd_angle.auth_atom_id_2 
_pdbx_validate_rmsd_angle.auth_asym_id_2 
_pdbx_validate_rmsd_angle.auth_comp_id_2 
_pdbx_validate_rmsd_angle.auth_seq_id_2 
_pdbx_validate_rmsd_angle.PDB_ins_code_2 
_pdbx_validate_rmsd_angle.label_alt_id_2 
_pdbx_validate_rmsd_angle.auth_atom_id_3 
_pdbx_validate_rmsd_angle.auth_asym_id_3 
_pdbx_validate_rmsd_angle.auth_comp_id_3 
_pdbx_validate_rmsd_angle.auth_seq_id_3 
_pdbx_validate_rmsd_angle.PDB_ins_code_3 
_pdbx_validate_rmsd_angle.label_alt_id_3 
_pdbx_validate_rmsd_angle.angle_value 
_pdbx_validate_rmsd_angle.angle_target_value 
_pdbx_validate_rmsd_angle.angle_deviation 
_pdbx_validate_rmsd_angle.angle_standard_deviation 
_pdbx_validate_rmsd_angle.linker_flag 
1  1 "O4'" A DG 2  ? ? "C1'" A DG 2  ? ? N9    A DG 2  ? ? 112.82 108.30 4.52 0.30 N 
2  1 "O4'" A DC 3  ? ? "C1'" A DC 3  ? ? N1    A DC 3  ? ? 113.58 108.30 5.28 0.30 N 
3  1 "O4'" A DT 4  ? ? "C4'" A DT 4  ? ? "C3'" A DT 4  ? ? 109.95 106.00 3.95 0.60 N 
4  1 "C5'" A DT 4  ? ? "C4'" A DT 4  ? ? "O4'" A DT 4  ? ? 117.17 109.80 7.37 1.10 N 
5  1 "O4'" A DT 4  ? ? "C1'" A DT 4  ? ? N1    A DT 4  ? ? 110.43 108.30 2.13 0.30 N 
6  1 "O4'" A DT 5  ? ? "C4'" A DT 5  ? ? "C3'" A DT 5  ? ? 110.21 106.00 4.21 0.60 N 
7  1 "O4'" A DG 6  ? ? "C1'" A DG 6  ? ? N9    A DG 6  ? ? 114.16 108.30 5.86 0.30 N 
8  1 "O4'" A DC 8  ? ? "C1'" A DC 8  ? ? N1    A DC 8  ? ? 110.72 108.30 2.42 0.30 N 
9  1 "O4'" A DT 9  ? ? "C1'" A DT 9  ? ? N1    A DT 9  ? ? 111.89 108.30 3.59 0.30 N 
10 1 "O4'" A DT 10 ? ? "C1'" A DT 10 ? ? N1    A DT 10 ? ? 111.12 108.30 2.82 0.30 N 
11 1 "O4'" A DG 11 ? ? "C1'" A DG 11 ? ? N9    A DG 11 ? ? 113.97 108.30 5.67 0.30 N 
12 1 "O4'" A DA 12 ? ? "C4'" A DA 12 ? ? "C3'" A DA 12 ? ? 111.23 106.00 5.23 0.60 N 
13 1 "O4'" A DG 13 ? ? "C1'" A DG 13 ? ? N9    A DG 13 ? ? 113.36 108.30 5.06 0.30 N 
14 1 "O4'" B DT 15 ? ? "C1'" B DT 15 ? ? N1    B DT 15 ? ? 110.22 108.30 1.92 0.30 N 
15 1 "O4'" B DC 16 ? ? "C4'" B DC 16 ? ? "C3'" B DC 16 ? ? 112.64 106.00 6.64 0.60 N 
16 1 "C5'" B DC 16 ? ? "C4'" B DC 16 ? ? "O4'" B DC 16 ? ? 117.74 109.80 7.94 1.10 N 
17 1 "C3'" B DC 16 ? ? "C2'" B DC 16 ? ? "C1'" B DC 16 ? ? 111.59 102.50 9.09 1.20 N 
18 1 "O4'" B DC 16 ? ? "C1'" B DC 16 ? ? N1    B DC 16 ? ? 112.20 108.30 3.90 0.30 N 
19 1 "O4'" B DA 17 ? ? "C1'" B DA 17 ? ? N9    B DA 17 ? ? 112.77 108.30 4.47 0.30 N 
20 1 "O4'" B DA 18 ? ? "C4'" B DA 18 ? ? "C3'" B DA 18 ? ? 109.72 106.00 3.72 0.60 N 
21 1 "O4'" B DA 18 ? ? "C1'" B DA 18 ? ? N9    B DA 18 ? ? 113.88 108.30 5.58 0.30 N 
22 1 "O4'" B DG 19 ? ? "C4'" B DG 19 ? ? "C3'" B DG 19 ? ? 109.72 106.00 3.72 0.60 N 
23 1 "O4'" B DG 19 ? ? "C1'" B DG 19 ? ? N9    B DG 19 ? ? 112.98 108.30 4.68 0.30 N 
24 1 "O4'" B DG 20 ? ? "C4'" B DG 20 ? ? "C3'" B DG 20 ? ? 111.60 106.00 5.60 0.60 N 
25 1 "C5'" B DG 20 ? ? "C4'" B DG 20 ? ? "O4'" B DG 20 ? ? 116.57 109.80 6.77 1.10 N 
26 1 "O4'" B DC 21 ? ? "C4'" B DC 21 ? ? "C3'" B DC 21 ? ? 110.41 106.00 4.41 0.60 N 
27 1 "C5'" B DC 21 ? ? "C4'" B DC 21 ? ? "O4'" B DC 21 ? ? 116.96 109.80 7.16 1.10 N 
28 1 "O4'" B DA 22 ? ? "C1'" B DA 22 ? ? N9    B DA 22 ? ? 112.28 108.30 3.98 0.30 N 
29 1 "O4'" B DG 24 ? ? "C1'" B DG 24 ? ? N9    B DG 24 ? ? 113.08 108.30 4.78 0.30 N 
30 1 "O4'" B DC 25 ? ? "C4'" B DC 25 ? ? "C3'" B DC 25 ? ? 109.77 106.00 3.77 0.60 N 
31 1 "O4'" B DC 25 ? ? "C1'" B DC 25 ? ? N1    B DC 25 ? ? 110.72 108.30 2.42 0.30 N 
32 1 "O4'" B DT 26 ? ? "C1'" B DT 26 ? ? N1    B DT 26 ? ? 111.06 108.30 2.76 0.30 N 
# 
loop_
_pdbx_validate_planes.id 
_pdbx_validate_planes.PDB_model_num 
_pdbx_validate_planes.auth_comp_id 
_pdbx_validate_planes.auth_asym_id 
_pdbx_validate_planes.auth_seq_id 
_pdbx_validate_planes.PDB_ins_code 
_pdbx_validate_planes.label_alt_id 
_pdbx_validate_planes.rmsd 
_pdbx_validate_planes.type 
1 1 DC A 3  ? ? 0.108 'SIDE CHAIN' 
2 1 DT A 4  ? ? 0.073 'SIDE CHAIN' 
3 1 DG A 6  ? ? 0.115 'SIDE CHAIN' 
4 1 DC B 16 ? ? 0.104 'SIDE CHAIN' 
5 1 DG B 24 ? ? 0.092 'SIDE CHAIN' 
6 1 DC B 25 ? ? 0.076 'SIDE CHAIN' 
# 
_pdbx_nmr_ensemble.entry_id                                      142D 
_pdbx_nmr_ensemble.conformers_calculated_total_number            ? 
_pdbx_nmr_ensemble.conformers_submitted_total_number             1 
_pdbx_nmr_ensemble.conformer_selection_criteria                  ? 
_pdbx_nmr_ensemble.average_constraints_per_residue               ? 
_pdbx_nmr_ensemble.average_constraint_violations_per_residue     ? 
_pdbx_nmr_ensemble.maximum_distance_constraint_violation         ? 
_pdbx_nmr_ensemble.average_distance_constraint_violation         ? 
_pdbx_nmr_ensemble.maximum_upper_distance_constraint_violation   ? 
_pdbx_nmr_ensemble.maximum_lower_distance_constraint_violation   ? 
_pdbx_nmr_ensemble.distance_constraint_violation_method          ? 
_pdbx_nmr_ensemble.maximum_torsion_angle_constraint_violation    ? 
_pdbx_nmr_ensemble.average_torsion_angle_constraint_violation    ? 
_pdbx_nmr_ensemble.torsion_angle_constraint_violation_method     ? 
# 
_pdbx_nmr_details.entry_id   142D 
_pdbx_nmr_details.text       
;SUGAR PUCKER OF DEOXYRIBOSES HAS BEEN DETERMINED BY SIMULATION OF 2QF-COSY SPECTRA. A LIST OF TORSION ANGLE AND NOE DISTANCE RESTRAINTS IS AVAILABLE FROM THE PROTEIN DATA BANK AS ENTRY R140DMR.
;
# 
_pdbx_nmr_refine.entry_id           142D 
_pdbx_nmr_refine.method             'MOLECULAR DYNAMICS, ENERGY MINIMIZATION' 
_pdbx_nmr_refine.details            
;ALL COORDINATES AROSE FROM ENERGY MINIMIZED AMBER4 FILES THAT WERE REFORMATTED FOR THE HELIX ANALYSIS PROGRAM CURVES. THEREFORE, ALL HYDROGEN ATOMS WERE REMOVED. THE DEPOSITORS HAVE PROVIDED THREE COORDINATE SETS FOR THIS 
STRUCTURE.  THE FIRST TWO COORDINATE SETS (PROTEIN DATA 
BANK ENTRIES 140D AND 141D) CONTAIN THE RESULTS OF THE 
NMR/RESTRAINED MOLECULAR DYNAMICS REFINEMENT WHERE A-DNA 
AND B-DNA WERE USED AS STARTING MODELS, RESPECTIVELY.  THE 
AUTHORS DENOTED THESE STRUCTURES AS RMD-A AND RMD-B, 
RESPECTIVELY.  THE THIRD COORDINATE SET (PROTEIN DATA BANK 
ENTRY 142D) REPRESENTS THE FINAL STRUCTURE, DENOTED 
RMD-FINAL BY THE AUTHORS.  ALL STRUCTURES WERE DERIVED BY 
AVERAGING THE LAST 4 PS OF 30 PS RESTRAINED MD (AMBER4) AND 
SUBSEQUENT RESTRAINED ENERGY MINIMIZATION.  FIVE RMD RUNS 
WERE AVERAGED TO EACH INTERIM STRUCTURE RMD-A AND RMD-B, 
DEPENDING ON THE STARTING GEOMETRY.  ALL TEN STRUCTURES 
WERE AVERAGED, RESTRAINED ENERGY MINIMIZED AND A FINAL 20PS 
RMD RUN WAS PERFORMED, THE LAST 4PS OF WHICH, AFTER 
AVERAGING AND RESTRAINED ENERGY MINIMIZATION LEAD TO THE FINAL STRUCTURE: RMD-FINAL.
;
_pdbx_nmr_refine.software_ordinal   1 
# 
loop_
_pdbx_nmr_software.name 
_pdbx_nmr_software.version 
_pdbx_nmr_software.classification 
_pdbx_nmr_software.authors 
_pdbx_nmr_software.ordinal 
AMBER4 ? 'structure solution' ? 1 
AMBER4 ? refinement           ? 2 
# 
loop_
_chem_comp_atom.comp_id 
_chem_comp_atom.atom_id 
_chem_comp_atom.type_symbol 
_chem_comp_atom.pdbx_aromatic_flag 
_chem_comp_atom.pdbx_stereo_config 
_chem_comp_atom.pdbx_ordinal 
DA OP3    O N N 1   
DA P      P N N 2   
DA OP1    O N N 3   
DA OP2    O N N 4   
DA "O5'"  O N N 5   
DA "C5'"  C N N 6   
DA "C4'"  C N R 7   
DA "O4'"  O N N 8   
DA "C3'"  C N S 9   
DA "O3'"  O N N 10  
DA "C2'"  C N N 11  
DA "C1'"  C N R 12  
DA N9     N Y N 13  
DA C8     C Y N 14  
DA N7     N Y N 15  
DA C5     C Y N 16  
DA C6     C Y N 17  
DA N6     N N N 18  
DA N1     N Y N 19  
DA C2     C Y N 20  
DA N3     N Y N 21  
DA C4     C Y N 22  
DA HOP3   H N N 23  
DA HOP2   H N N 24  
DA "H5'"  H N N 25  
DA "H5''" H N N 26  
DA "H4'"  H N N 27  
DA "H3'"  H N N 28  
DA "HO3'" H N N 29  
DA "H2'"  H N N 30  
DA "H2''" H N N 31  
DA "H1'"  H N N 32  
DA H8     H N N 33  
DA H61    H N N 34  
DA H62    H N N 35  
DA H2     H N N 36  
DC OP3    O N N 37  
DC P      P N N 38  
DC OP1    O N N 39  
DC OP2    O N N 40  
DC "O5'"  O N N 41  
DC "C5'"  C N N 42  
DC "C4'"  C N R 43  
DC "O4'"  O N N 44  
DC "C3'"  C N S 45  
DC "O3'"  O N N 46  
DC "C2'"  C N N 47  
DC "C1'"  C N R 48  
DC N1     N N N 49  
DC C2     C N N 50  
DC O2     O N N 51  
DC N3     N N N 52  
DC C4     C N N 53  
DC N4     N N N 54  
DC C5     C N N 55  
DC C6     C N N 56  
DC HOP3   H N N 57  
DC HOP2   H N N 58  
DC "H5'"  H N N 59  
DC "H5''" H N N 60  
DC "H4'"  H N N 61  
DC "H3'"  H N N 62  
DC "HO3'" H N N 63  
DC "H2'"  H N N 64  
DC "H2''" H N N 65  
DC "H1'"  H N N 66  
DC H41    H N N 67  
DC H42    H N N 68  
DC H5     H N N 69  
DC H6     H N N 70  
DG OP3    O N N 71  
DG P      P N N 72  
DG OP1    O N N 73  
DG OP2    O N N 74  
DG "O5'"  O N N 75  
DG "C5'"  C N N 76  
DG "C4'"  C N R 77  
DG "O4'"  O N N 78  
DG "C3'"  C N S 79  
DG "O3'"  O N N 80  
DG "C2'"  C N N 81  
DG "C1'"  C N R 82  
DG N9     N Y N 83  
DG C8     C Y N 84  
DG N7     N Y N 85  
DG C5     C Y N 86  
DG C6     C N N 87  
DG O6     O N N 88  
DG N1     N N N 89  
DG C2     C N N 90  
DG N2     N N N 91  
DG N3     N N N 92  
DG C4     C Y N 93  
DG HOP3   H N N 94  
DG HOP2   H N N 95  
DG "H5'"  H N N 96  
DG "H5''" H N N 97  
DG "H4'"  H N N 98  
DG "H3'"  H N N 99  
DG "HO3'" H N N 100 
DG "H2'"  H N N 101 
DG "H2''" H N N 102 
DG "H1'"  H N N 103 
DG H8     H N N 104 
DG H1     H N N 105 
DG H21    H N N 106 
DG H22    H N N 107 
DT OP3    O N N 108 
DT P      P N N 109 
DT OP1    O N N 110 
DT OP2    O N N 111 
DT "O5'"  O N N 112 
DT "C5'"  C N N 113 
DT "C4'"  C N R 114 
DT "O4'"  O N N 115 
DT "C3'"  C N S 116 
DT "O3'"  O N N 117 
DT "C2'"  C N N 118 
DT "C1'"  C N R 119 
DT N1     N N N 120 
DT C2     C N N 121 
DT O2     O N N 122 
DT N3     N N N 123 
DT C4     C N N 124 
DT O4     O N N 125 
DT C5     C N N 126 
DT C7     C N N 127 
DT C6     C N N 128 
DT HOP3   H N N 129 
DT HOP2   H N N 130 
DT "H5'"  H N N 131 
DT "H5''" H N N 132 
DT "H4'"  H N N 133 
DT "H3'"  H N N 134 
DT "HO3'" H N N 135 
DT "H2'"  H N N 136 
DT "H2''" H N N 137 
DT "H1'"  H N N 138 
DT H3     H N N 139 
DT H71    H N N 140 
DT H72    H N N 141 
DT H73    H N N 142 
DT H6     H N N 143 
# 
loop_
_chem_comp_bond.comp_id 
_chem_comp_bond.atom_id_1 
_chem_comp_bond.atom_id_2 
_chem_comp_bond.value_order 
_chem_comp_bond.pdbx_aromatic_flag 
_chem_comp_bond.pdbx_stereo_config 
_chem_comp_bond.pdbx_ordinal 
DA OP3   P      sing N N 1   
DA OP3   HOP3   sing N N 2   
DA P     OP1    doub N N 3   
DA P     OP2    sing N N 4   
DA P     "O5'"  sing N N 5   
DA OP2   HOP2   sing N N 6   
DA "O5'" "C5'"  sing N N 7   
DA "C5'" "C4'"  sing N N 8   
DA "C5'" "H5'"  sing N N 9   
DA "C5'" "H5''" sing N N 10  
DA "C4'" "O4'"  sing N N 11  
DA "C4'" "C3'"  sing N N 12  
DA "C4'" "H4'"  sing N N 13  
DA "O4'" "C1'"  sing N N 14  
DA "C3'" "O3'"  sing N N 15  
DA "C3'" "C2'"  sing N N 16  
DA "C3'" "H3'"  sing N N 17  
DA "O3'" "HO3'" sing N N 18  
DA "C2'" "C1'"  sing N N 19  
DA "C2'" "H2'"  sing N N 20  
DA "C2'" "H2''" sing N N 21  
DA "C1'" N9     sing N N 22  
DA "C1'" "H1'"  sing N N 23  
DA N9    C8     sing Y N 24  
DA N9    C4     sing Y N 25  
DA C8    N7     doub Y N 26  
DA C8    H8     sing N N 27  
DA N7    C5     sing Y N 28  
DA C5    C6     sing Y N 29  
DA C5    C4     doub Y N 30  
DA C6    N6     sing N N 31  
DA C6    N1     doub Y N 32  
DA N6    H61    sing N N 33  
DA N6    H62    sing N N 34  
DA N1    C2     sing Y N 35  
DA C2    N3     doub Y N 36  
DA C2    H2     sing N N 37  
DA N3    C4     sing Y N 38  
DC OP3   P      sing N N 39  
DC OP3   HOP3   sing N N 40  
DC P     OP1    doub N N 41  
DC P     OP2    sing N N 42  
DC P     "O5'"  sing N N 43  
DC OP2   HOP2   sing N N 44  
DC "O5'" "C5'"  sing N N 45  
DC "C5'" "C4'"  sing N N 46  
DC "C5'" "H5'"  sing N N 47  
DC "C5'" "H5''" sing N N 48  
DC "C4'" "O4'"  sing N N 49  
DC "C4'" "C3'"  sing N N 50  
DC "C4'" "H4'"  sing N N 51  
DC "O4'" "C1'"  sing N N 52  
DC "C3'" "O3'"  sing N N 53  
DC "C3'" "C2'"  sing N N 54  
DC "C3'" "H3'"  sing N N 55  
DC "O3'" "HO3'" sing N N 56  
DC "C2'" "C1'"  sing N N 57  
DC "C2'" "H2'"  sing N N 58  
DC "C2'" "H2''" sing N N 59  
DC "C1'" N1     sing N N 60  
DC "C1'" "H1'"  sing N N 61  
DC N1    C2     sing N N 62  
DC N1    C6     sing N N 63  
DC C2    O2     doub N N 64  
DC C2    N3     sing N N 65  
DC N3    C4     doub N N 66  
DC C4    N4     sing N N 67  
DC C4    C5     sing N N 68  
DC N4    H41    sing N N 69  
DC N4    H42    sing N N 70  
DC C5    C6     doub N N 71  
DC C5    H5     sing N N 72  
DC C6    H6     sing N N 73  
DG OP3   P      sing N N 74  
DG OP3   HOP3   sing N N 75  
DG P     OP1    doub N N 76  
DG P     OP2    sing N N 77  
DG P     "O5'"  sing N N 78  
DG OP2   HOP2   sing N N 79  
DG "O5'" "C5'"  sing N N 80  
DG "C5'" "C4'"  sing N N 81  
DG "C5'" "H5'"  sing N N 82  
DG "C5'" "H5''" sing N N 83  
DG "C4'" "O4'"  sing N N 84  
DG "C4'" "C3'"  sing N N 85  
DG "C4'" "H4'"  sing N N 86  
DG "O4'" "C1'"  sing N N 87  
DG "C3'" "O3'"  sing N N 88  
DG "C3'" "C2'"  sing N N 89  
DG "C3'" "H3'"  sing N N 90  
DG "O3'" "HO3'" sing N N 91  
DG "C2'" "C1'"  sing N N 92  
DG "C2'" "H2'"  sing N N 93  
DG "C2'" "H2''" sing N N 94  
DG "C1'" N9     sing N N 95  
DG "C1'" "H1'"  sing N N 96  
DG N9    C8     sing Y N 97  
DG N9    C4     sing Y N 98  
DG C8    N7     doub Y N 99  
DG C8    H8     sing N N 100 
DG N7    C5     sing Y N 101 
DG C5    C6     sing N N 102 
DG C5    C4     doub Y N 103 
DG C6    O6     doub N N 104 
DG C6    N1     sing N N 105 
DG N1    C2     sing N N 106 
DG N1    H1     sing N N 107 
DG C2    N2     sing N N 108 
DG C2    N3     doub N N 109 
DG N2    H21    sing N N 110 
DG N2    H22    sing N N 111 
DG N3    C4     sing N N 112 
DT OP3   P      sing N N 113 
DT OP3   HOP3   sing N N 114 
DT P     OP1    doub N N 115 
DT P     OP2    sing N N 116 
DT P     "O5'"  sing N N 117 
DT OP2   HOP2   sing N N 118 
DT "O5'" "C5'"  sing N N 119 
DT "C5'" "C4'"  sing N N 120 
DT "C5'" "H5'"  sing N N 121 
DT "C5'" "H5''" sing N N 122 
DT "C4'" "O4'"  sing N N 123 
DT "C4'" "C3'"  sing N N 124 
DT "C4'" "H4'"  sing N N 125 
DT "O4'" "C1'"  sing N N 126 
DT "C3'" "O3'"  sing N N 127 
DT "C3'" "C2'"  sing N N 128 
DT "C3'" "H3'"  sing N N 129 
DT "O3'" "HO3'" sing N N 130 
DT "C2'" "C1'"  sing N N 131 
DT "C2'" "H2'"  sing N N 132 
DT "C2'" "H2''" sing N N 133 
DT "C1'" N1     sing N N 134 
DT "C1'" "H1'"  sing N N 135 
DT N1    C2     sing N N 136 
DT N1    C6     sing N N 137 
DT C2    O2     doub N N 138 
DT C2    N3     sing N N 139 
DT N3    C4     sing N N 140 
DT N3    H3     sing N N 141 
DT C4    O4     doub N N 142 
DT C4    C5     sing N N 143 
DT C5    C7     sing N N 144 
DT C5    C6     doub N N 145 
DT C7    H71    sing N N 146 
DT C7    H72    sing N N 147 
DT C7    H73    sing N N 148 
DT C6    H6     sing N N 149 
# 
loop_
_ndb_struct_conf_na.entry_id 
_ndb_struct_conf_na.feature 
142D 'double helix'        
142D 'b-form double helix' 
# 
loop_
_ndb_struct_na_base_pair.model_number 
_ndb_struct_na_base_pair.i_label_asym_id 
_ndb_struct_na_base_pair.i_label_comp_id 
_ndb_struct_na_base_pair.i_label_seq_id 
_ndb_struct_na_base_pair.i_symmetry 
_ndb_struct_na_base_pair.j_label_asym_id 
_ndb_struct_na_base_pair.j_label_comp_id 
_ndb_struct_na_base_pair.j_label_seq_id 
_ndb_struct_na_base_pair.j_symmetry 
_ndb_struct_na_base_pair.shear 
_ndb_struct_na_base_pair.stretch 
_ndb_struct_na_base_pair.stagger 
_ndb_struct_na_base_pair.buckle 
_ndb_struct_na_base_pair.propeller 
_ndb_struct_na_base_pair.opening 
_ndb_struct_na_base_pair.pair_number 
_ndb_struct_na_base_pair.pair_name 
_ndb_struct_na_base_pair.i_auth_asym_id 
_ndb_struct_na_base_pair.i_auth_seq_id 
_ndb_struct_na_base_pair.i_PDB_ins_code 
_ndb_struct_na_base_pair.j_auth_asym_id 
_ndb_struct_na_base_pair.j_auth_seq_id 
_ndb_struct_na_base_pair.j_PDB_ins_code 
_ndb_struct_na_base_pair.hbond_type_28 
_ndb_struct_na_base_pair.hbond_type_12 
1 A DA 1  1_555 B DT 13 1_555 0.185  -0.130 0.055  0.458   -13.829 -5.733 1  A_DA1:DT26_B  A 1  ? B 26 ? 20 1 
1 A DG 2  1_555 B DC 12 1_555 -0.301 -0.179 0.502  9.124   -11.062 0.233  2  A_DG2:DC25_B  A 2  ? B 25 ? 19 1 
1 A DC 3  1_555 B DG 11 1_555 0.131  -0.188 0.165  -4.679  -15.550 -2.208 3  A_DC3:DG24_B  A 3  ? B 24 ? 19 1 
1 A DT 4  1_555 B DA 10 1_555 -0.009 -0.164 0.046  -3.282  -11.835 1.079  4  A_DT4:DA23_B  A 4  ? B 23 ? 20 1 
1 A DT 5  1_555 B DA 9  1_555 -0.058 -0.127 -0.045 8.481   -6.334  -1.908 5  A_DT5:DA22_B  A 5  ? B 22 ? 20 1 
1 A DG 6  1_555 B DC 8  1_555 -0.434 -0.216 0.238  8.124   -12.721 0.081  6  A_DG6:DC21_B  A 6  ? B 21 ? 19 1 
1 A DC 7  1_555 B DG 7  1_555 0.240  -0.155 0.411  -8.121  1.347   0.193  7  A_DC7:DG20_B  A 7  ? B 20 ? 19 1 
1 A DC 8  1_555 B DG 6  1_555 0.359  -0.216 0.214  -0.837  -6.833  -0.846 8  A_DC8:DG19_B  A 8  ? B 19 ? 19 1 
1 A DT 9  1_555 B DA 5  1_555 0.047  -0.184 -0.127 -4.495  -16.172 -2.945 9  A_DT9:DA18_B  A 9  ? B 18 ? 20 1 
1 A DT 10 1_555 B DA 4  1_555 0.067  -0.148 -0.048 3.973   -10.099 -1.003 10 A_DT10:DA17_B A 10 ? B 17 ? 20 1 
1 A DG 11 1_555 B DC 3  1_555 -0.367 -0.263 -0.345 -4.554  -17.630 -1.313 11 A_DG11:DC16_B A 11 ? B 16 ? 19 1 
1 A DA 12 1_555 B DT 2  1_555 -0.017 -0.119 -0.198 -15.929 -3.859  2.463  12 A_DA12:DT15_B A 12 ? B 15 ? 20 1 
1 A DG 13 1_555 B DC 1  1_555 -0.246 -0.231 0.297  -7.194  -11.442 -3.022 13 A_DG13:DC14_B A 13 ? B 14 ? 19 1 
# 
loop_
_ndb_struct_na_base_pair_step.model_number 
_ndb_struct_na_base_pair_step.i_label_asym_id_1 
_ndb_struct_na_base_pair_step.i_label_comp_id_1 
_ndb_struct_na_base_pair_step.i_label_seq_id_1 
_ndb_struct_na_base_pair_step.i_symmetry_1 
_ndb_struct_na_base_pair_step.j_label_asym_id_1 
_ndb_struct_na_base_pair_step.j_label_comp_id_1 
_ndb_struct_na_base_pair_step.j_label_seq_id_1 
_ndb_struct_na_base_pair_step.j_symmetry_1 
_ndb_struct_na_base_pair_step.i_label_asym_id_2 
_ndb_struct_na_base_pair_step.i_label_comp_id_2 
_ndb_struct_na_base_pair_step.i_label_seq_id_2 
_ndb_struct_na_base_pair_step.i_symmetry_2 
_ndb_struct_na_base_pair_step.j_label_asym_id_2 
_ndb_struct_na_base_pair_step.j_label_comp_id_2 
_ndb_struct_na_base_pair_step.j_label_seq_id_2 
_ndb_struct_na_base_pair_step.j_symmetry_2 
_ndb_struct_na_base_pair_step.shift 
_ndb_struct_na_base_pair_step.slide 
_ndb_struct_na_base_pair_step.rise 
_ndb_struct_na_base_pair_step.tilt 
_ndb_struct_na_base_pair_step.roll 
_ndb_struct_na_base_pair_step.twist 
_ndb_struct_na_base_pair_step.x_displacement 
_ndb_struct_na_base_pair_step.y_displacement 
_ndb_struct_na_base_pair_step.helical_rise 
_ndb_struct_na_base_pair_step.inclination 
_ndb_struct_na_base_pair_step.tip 
_ndb_struct_na_base_pair_step.helical_twist 
_ndb_struct_na_base_pair_step.step_number 
_ndb_struct_na_base_pair_step.step_name 
_ndb_struct_na_base_pair_step.i_auth_asym_id_1 
_ndb_struct_na_base_pair_step.i_auth_seq_id_1 
_ndb_struct_na_base_pair_step.i_PDB_ins_code_1 
_ndb_struct_na_base_pair_step.j_auth_asym_id_1 
_ndb_struct_na_base_pair_step.j_auth_seq_id_1 
_ndb_struct_na_base_pair_step.j_PDB_ins_code_1 
_ndb_struct_na_base_pair_step.i_auth_asym_id_2 
_ndb_struct_na_base_pair_step.i_auth_seq_id_2 
_ndb_struct_na_base_pair_step.i_PDB_ins_code_2 
_ndb_struct_na_base_pair_step.j_auth_asym_id_2 
_ndb_struct_na_base_pair_step.j_auth_seq_id_2 
_ndb_struct_na_base_pair_step.j_PDB_ins_code_2 
1 A DA 1  1_555 B DT 13 1_555 A DG 2  1_555 B DC 12 1_555 0.578  -0.519 3.002 -2.269 -4.973 31.526 -0.111 -1.428 2.999 -9.068 
4.137   31.985 1  AA_DA1DG2:DC25DT26_BB   A 1  ? B 26 ? A 2  ? B 25 ? 
1 A DG 2  1_555 B DC 12 1_555 A DC 3  1_555 B DG 11 1_555 0.063  -0.863 3.471 4.009  3.794  38.964 -1.754 0.406  3.366 5.653  
-5.974  39.338 2  AA_DG2DC3:DG24DC25_BB   A 2  ? B 25 ? A 3  ? B 24 ? 
1 A DC 3  1_555 B DG 11 1_555 A DT 4  1_555 B DA 10 1_555 0.526  -0.335 3.230 3.317  -1.180 34.868 -0.380 -0.377 3.274 -1.962 
-5.518  35.040 3  AA_DC3DT4:DA23DG24_BB   A 3  ? B 24 ? A 4  ? B 23 ? 
1 A DT 4  1_555 B DA 10 1_555 A DT 5  1_555 B DA 9  1_555 -0.022 -0.422 3.116 -2.369 -3.072 33.416 -0.248 -0.334 3.136 -5.321 
4.103   33.634 4  AA_DT4DT5:DA22DA23_BB   A 4  ? B 23 ? A 5  ? B 22 ? 
1 A DT 5  1_555 B DA 9  1_555 A DG 6  1_555 B DC 8  1_555 0.128  -0.728 3.055 -4.064 6.159  29.708 -2.489 -0.975 2.809 11.785 
7.776   30.590 5  AA_DT5DG6:DC21DA22_BB   A 5  ? B 22 ? A 6  ? B 21 ? 
1 A DG 6  1_555 B DC 8  1_555 A DC 7  1_555 B DG 7  1_555 -0.413 -0.727 3.674 -2.156 16.254 37.777 -2.961 0.334  3.135 23.782 
3.154   41.062 6  AA_DG6DC7:DG20DC21_BB   A 6  ? B 21 ? A 7  ? B 20 ? 
1 A DC 7  1_555 B DG 7  1_555 A DC 8  1_555 B DG 6  1_555 0.052  -0.400 3.064 0.909  9.173  31.991 -2.111 0.048  2.845 16.227 
-1.608  33.259 7  AA_DC7DC8:DG19DG20_BB   A 7  ? B 20 ? A 8  ? B 19 ? 
1 A DC 8  1_555 B DG 6  1_555 A DT 9  1_555 B DA 5  1_555 0.404  -0.364 3.133 6.581  8.161  34.926 -1.670 0.229  3.000 13.233 
-10.671 36.419 8  AA_DC8DT9:DA18DG19_BB   A 8  ? B 19 ? A 9  ? B 18 ? 
1 A DT 9  1_555 B DA 5  1_555 A DT 10 1_555 B DA 4  1_555 0.514  -0.572 3.019 -1.102 4.180  33.080 -1.628 -1.062 2.909 7.302  
1.926   33.353 9  AA_DT9DT10:DA17DA18_BB  A 9  ? B 18 ? A 10 ? B 17 ? 
1 A DT 10 1_555 B DA 4  1_555 A DG 11 1_555 B DC 3  1_555 0.334  -0.150 3.261 3.752  17.517 30.290 -2.869 0.007  2.788 30.412 
-6.514  35.084 10 AA_DT10DG11:DC16DA17_BB A 10 ? B 17 ? A 11 ? B 16 ? 
1 A DG 11 1_555 B DC 3  1_555 A DA 12 1_555 B DT 2  1_555 -0.305 -1.312 3.317 -3.128 7.732  33.358 -3.401 0.039  2.963 13.215 
5.346   34.356 11 AA_DG11DA12:DT15DC16_BB A 11 ? B 16 ? A 12 ? B 15 ? 
1 A DA 12 1_555 B DT 2  1_555 A DG 13 1_555 B DC 1  1_555 -0.131 -0.589 3.028 -3.641 -2.178 34.776 -0.673 -0.293 3.056 -3.627 
6.063   35.026 12 AA_DA12DG13:DC14DT15_BB A 12 ? B 15 ? A 13 ? B 14 ? 
# 
_atom_sites.entry_id                    142D 
_atom_sites.fract_transf_matrix[1][1]   1.000000 
_atom_sites.fract_transf_matrix[1][2]   0.000000 
_atom_sites.fract_transf_matrix[1][3]   0.000000 
_atom_sites.fract_transf_matrix[2][1]   0.000000 
_atom_sites.fract_transf_matrix[2][2]   1.000000 
_atom_sites.fract_transf_matrix[2][3]   0.000000 
_atom_sites.fract_transf_matrix[3][1]   0.000000 
_atom_sites.fract_transf_matrix[3][2]   0.000000 
_atom_sites.fract_transf_matrix[3][3]   1.000000 
_atom_sites.fract_transf_vector[1]      0.00000 
_atom_sites.fract_transf_vector[2]      0.00000 
_atom_sites.fract_transf_vector[3]      0.00000 
# 
loop_
_atom_type.symbol 
C 
N 
O 
P 
# 
loop_
_atom_site.group_PDB 
_atom_site.id 
_atom_site.type_symbol 
_atom_site.label_atom_id 
_atom_site.label_alt_id 
_atom_site.label_comp_id 
_atom_site.label_asym_id 
_atom_site.label_entity_id 
_atom_site.label_seq_id 
_atom_site.pdbx_PDB_ins_code 
_atom_site.Cartn_x 
_atom_site.Cartn_y 
_atom_site.Cartn_z 
_atom_site.occupancy 
_atom_site.B_iso_or_equiv 
_atom_site.pdbx_formal_charge 
_atom_site.auth_seq_id 
_atom_site.auth_comp_id 
_atom_site.auth_asym_id 
_atom_site.auth_atom_id 
_atom_site.pdbx_PDB_model_num 
ATOM 1   O "O5'" . DA A 1 1  ? -7.822  19.841  -3.569  1.00 0.00 ? 1  DA A "O5'" 1 
ATOM 2   C "C5'" . DA A 1 1  ? -8.746  20.407  -2.663  1.00 0.00 ? 1  DA A "C5'" 1 
ATOM 3   C "C4'" . DA A 1 1  ? -9.407  19.319  -1.808  1.00 0.00 ? 1  DA A "C4'" 1 
ATOM 4   O "O4'" . DA A 1 1  ? -10.003 18.347  -2.652  1.00 0.00 ? 1  DA A "O4'" 1 
ATOM 5   C "C3'" . DA A 1 1  ? -8.411  18.616  -0.877  1.00 0.00 ? 1  DA A "C3'" 1 
ATOM 6   O "O3'" . DA A 1 1  ? -8.990  18.532  0.417   1.00 0.00 ? 1  DA A "O3'" 1 
ATOM 7   C "C2'" . DA A 1 1  ? -8.250  17.249  -1.530  1.00 0.00 ? 1  DA A "C2'" 1 
ATOM 8   C "C1'" . DA A 1 1  ? -9.556  17.054  -2.289  1.00 0.00 ? 1  DA A "C1'" 1 
ATOM 9   N N9    . DA A 1 1  ? -9.434  16.209  -3.485  1.00 0.00 ? 1  DA A N9    1 
ATOM 10  C C8    . DA A 1 1  ? -8.629  16.438  -4.559  1.00 0.00 ? 1  DA A C8    1 
ATOM 11  N N7    . DA A 1 1  ? -8.789  15.615  -5.556  1.00 0.00 ? 1  DA A N7    1 
ATOM 12  C C5    . DA A 1 1  ? -9.797  14.778  -5.095  1.00 0.00 ? 1  DA A C5    1 
ATOM 13  C C6    . DA A 1 1  ? -10.472 13.700  -5.685  1.00 0.00 ? 1  DA A C6    1 
ATOM 14  N N6    . DA A 1 1  ? -10.157 13.278  -6.903  1.00 0.00 ? 1  DA A N6    1 
ATOM 15  N N1    . DA A 1 1  ? -11.464 13.094  -5.008  1.00 0.00 ? 1  DA A N1    1 
ATOM 16  C C2    . DA A 1 1  ? -11.768 13.545  -3.793  1.00 0.00 ? 1  DA A C2    1 
ATOM 17  N N3    . DA A 1 1  ? -11.207 14.546  -3.123  1.00 0.00 ? 1  DA A N3    1 
ATOM 18  C C4    . DA A 1 1  ? -10.212 15.131  -3.840  1.00 0.00 ? 1  DA A C4    1 
ATOM 19  P P     . DG A 1 2  ? -8.272  17.780  1.661   1.00 0.00 ? 2  DG A P     1 
ATOM 20  O OP1   . DG A 1 2  ? -8.786  18.370  2.915   1.00 0.00 ? 2  DG A OP1   1 
ATOM 21  O OP2   . DG A 1 2  ? -6.815  17.737  1.406   1.00 0.00 ? 2  DG A OP2   1 
ATOM 22  O "O5'" . DG A 1 2  ? -8.854  16.278  1.538   1.00 0.00 ? 2  DG A "O5'" 1 
ATOM 23  C "C5'" . DG A 1 2  ? -10.232 16.026  1.709   1.00 0.00 ? 2  DG A "C5'" 1 
ATOM 24  C "C4'" . DG A 1 2  ? -10.578 14.548  1.513   1.00 0.00 ? 2  DG A "C4'" 1 
ATOM 25  O "O4'" . DG A 1 2  ? -10.428 14.125  0.162   1.00 0.00 ? 2  DG A "O4'" 1 
ATOM 26  C "C3'" . DG A 1 2  ? -9.759  13.613  2.410   1.00 0.00 ? 2  DG A "C3'" 1 
ATOM 27  O "O3'" . DG A 1 2  ? -10.697 12.854  3.160   1.00 0.00 ? 2  DG A "O3'" 1 
ATOM 28  C "C2'" . DG A 1 2  ? -8.949  12.780  1.415   1.00 0.00 ? 2  DG A "C2'" 1 
ATOM 29  C "C1'" . DG A 1 2  ? -9.721  12.893  0.102   1.00 0.00 ? 2  DG A "C1'" 1 
ATOM 30  N N9    . DG A 1 2  ? -8.943  12.736  -1.152  1.00 0.00 ? 2  DG A N9    1 
ATOM 31  C C8    . DG A 1 2  ? -7.823  13.393  -1.589  1.00 0.00 ? 2  DG A C8    1 
ATOM 32  N N7    . DG A 1 2  ? -7.448  13.081  -2.800  1.00 0.00 ? 2  DG A N7    1 
ATOM 33  C C5    . DG A 1 2  ? -8.375  12.122  -3.200  1.00 0.00 ? 2  DG A C5    1 
ATOM 34  C C6    . DG A 1 2  ? -8.498  11.380  -4.418  1.00 0.00 ? 2  DG A C6    1 
ATOM 35  O O6    . DG A 1 2  ? -7.846  11.493  -5.453  1.00 0.00 ? 2  DG A O6    1 
ATOM 36  N N1    . DG A 1 2  ? -9.517  10.439  -4.370  1.00 0.00 ? 2  DG A N1    1 
ATOM 37  C C2    . DG A 1 2  ? -10.363 10.277  -3.300  1.00 0.00 ? 2  DG A C2    1 
ATOM 38  N N2    . DG A 1 2  ? -11.254 9.298   -3.320  1.00 0.00 ? 2  DG A N2    1 
ATOM 39  N N3    . DG A 1 2  ? -10.285 10.995  -2.184  1.00 0.00 ? 2  DG A N3    1 
ATOM 40  C C4    . DG A 1 2  ? -9.273  11.893  -2.187  1.00 0.00 ? 2  DG A C4    1 
ATOM 41  P P     . DC A 1 3  ? -10.303 11.600  4.102   1.00 0.00 ? 3  DC A P     1 
ATOM 42  O OP1   . DC A 1 3  ? -11.365 11.433  5.118   1.00 0.00 ? 3  DC A OP1   1 
ATOM 43  O OP2   . DC A 1 3  ? -8.892  11.746  4.522   1.00 0.00 ? 3  DC A OP2   1 
ATOM 44  O "O5'" . DC A 1 3  ? -10.405 10.370  3.063   1.00 0.00 ? 3  DC A "O5'" 1 
ATOM 45  C "C5'" . DC A 1 3  ? -11.618 10.087  2.394   1.00 0.00 ? 3  DC A "C5'" 1 
ATOM 46  C "C4'" . DC A 1 3  ? -11.421 8.968   1.372   1.00 0.00 ? 3  DC A "C4'" 1 
ATOM 47  O "O4'" . DC A 1 3  ? -10.453 9.311   0.391   1.00 0.00 ? 3  DC A "O4'" 1 
ATOM 48  C "C3'" . DC A 1 3  ? -11.015 7.636   2.012   1.00 0.00 ? 3  DC A "C3'" 1 
ATOM 49  O "O3'" . DC A 1 3  ? -12.025 6.668   1.779   1.00 0.00 ? 3  DC A "O3'" 1 
ATOM 50  C "C2'" . DC A 1 3  ? -9.704  7.319   1.299   1.00 0.00 ? 3  DC A "C2'" 1 
ATOM 51  C "C1'" . DC A 1 3  ? -9.763  8.131   0.027   1.00 0.00 ? 3  DC A "C1'" 1 
ATOM 52  N N1    . DC A 1 3  ? -8.503  8.386   -0.727  1.00 0.00 ? 3  DC A N1    1 
ATOM 53  C C2    . DC A 1 3  ? -8.333  7.894   -2.022  1.00 0.00 ? 3  DC A C2    1 
ATOM 54  O O2    . DC A 1 3  ? -9.048  7.006   -2.474  1.00 0.00 ? 3  DC A O2    1 
ATOM 55  N N3    . DC A 1 3  ? -7.344  8.416   -2.809  1.00 0.00 ? 3  DC A N3    1 
ATOM 56  C C4    . DC A 1 3  ? -6.553  9.393   -2.349  1.00 0.00 ? 3  DC A C4    1 
ATOM 57  N N4    . DC A 1 3  ? -5.666  9.946   -3.165  1.00 0.00 ? 3  DC A N4    1 
ATOM 58  C C5    . DC A 1 3  ? -6.692  9.896   -1.023  1.00 0.00 ? 3  DC A C5    1 
ATOM 59  C C6    . DC A 1 3  ? -7.663  9.346   -0.270  1.00 0.00 ? 3  DC A C6    1 
ATOM 60  P P     . DT A 1 4  ? -12.003 5.209   2.475   1.00 0.00 ? 4  DT A P     1 
ATOM 61  O OP1   . DT A 1 4  ? -13.337 4.594   2.298   1.00 0.00 ? 4  DT A OP1   1 
ATOM 62  O OP2   . DT A 1 4  ? -11.428 5.340   3.831   1.00 0.00 ? 4  DT A OP2   1 
ATOM 63  O "O5'" . DT A 1 4  ? -10.955 4.396   1.561   1.00 0.00 ? 4  DT A "O5'" 1 
ATOM 64  C "C5'" . DT A 1 4  ? -11.273 4.056   0.229   1.00 0.00 ? 4  DT A "C5'" 1 
ATOM 65  C "C4'" . DT A 1 4  ? -10.077 3.439   -0.499  1.00 0.00 ? 4  DT A "C4'" 1 
ATOM 66  O "O4'" . DT A 1 4  ? -9.161  4.329   -1.103  1.00 0.00 ? 4  DT A "O4'" 1 
ATOM 67  C "C3'" . DT A 1 4  ? -9.324  2.322   0.217   1.00 0.00 ? 4  DT A "C3'" 1 
ATOM 68  O "O3'" . DT A 1 4  ? -9.849  1.054   -0.140  1.00 0.00 ? 4  DT A "O3'" 1 
ATOM 69  C "C2'" . DT A 1 4  ? -7.897  2.587   -0.206  1.00 0.00 ? 4  DT A "C2'" 1 
ATOM 70  C "C1'" . DT A 1 4  ? -7.982  3.591   -1.355  1.00 0.00 ? 4  DT A "C1'" 1 
ATOM 71  N N1    . DT A 1 4  ? -6.818  4.488   -1.415  1.00 0.00 ? 4  DT A N1    1 
ATOM 72  C C2    . DT A 1 4  ? -6.157  4.718   -2.613  1.00 0.00 ? 4  DT A C2    1 
ATOM 73  O O2    . DT A 1 4  ? -6.379  4.092   -3.645  1.00 0.00 ? 4  DT A O2    1 
ATOM 74  N N3    . DT A 1 4  ? -5.186  5.694   -2.575  1.00 0.00 ? 4  DT A N3    1 
ATOM 75  C C4    . DT A 1 4  ? -4.811  6.440   -1.480  1.00 0.00 ? 4  DT A C4    1 
ATOM 76  O O4    . DT A 1 4  ? -3.981  7.337   -1.613  1.00 0.00 ? 4  DT A O4    1 
ATOM 77  C C5    . DT A 1 4  ? -5.487  6.067   -0.246  1.00 0.00 ? 4  DT A C5    1 
ATOM 78  C C7    . DT A 1 4  ? -5.119  6.735   1.063   1.00 0.00 ? 4  DT A C7    1 
ATOM 79  C C6    . DT A 1 4  ? -6.455  5.118   -0.270  1.00 0.00 ? 4  DT A C6    1 
ATOM 80  P P     . DT A 1 5  ? -9.094  -0.341  0.172   1.00 0.00 ? 5  DT A P     1 
ATOM 81  O OP1   . DT A 1 5  ? -10.081 -1.436  0.067   1.00 0.00 ? 5  DT A OP1   1 
ATOM 82  O OP2   . DT A 1 5  ? -8.296  -0.178  1.408   1.00 0.00 ? 5  DT A OP2   1 
ATOM 83  O "O5'" . DT A 1 5  ? -8.075  -0.463  -1.078  1.00 0.00 ? 5  DT A "O5'" 1 
ATOM 84  C "C5'" . DT A 1 5  ? -8.560  -0.488  -2.405  1.00 0.00 ? 5  DT A "C5'" 1 
ATOM 85  C "C4'" . DT A 1 5  ? -7.411  -0.517  -3.415  1.00 0.00 ? 5  DT A "C4'" 1 
ATOM 86  O "O4'" . DT A 1 5  ? -6.655  0.677   -3.479  1.00 0.00 ? 5  DT A "O4'" 1 
ATOM 87  C "C3'" . DT A 1 5  ? -6.483  -1.723  -3.280  1.00 0.00 ? 5  DT A "C3'" 1 
ATOM 88  O "O3'" . DT A 1 5  ? -6.636  -2.623  -4.368  1.00 0.00 ? 5  DT A "O3'" 1 
ATOM 89  C "C2'" . DT A 1 5  ? -5.150  -1.045  -3.227  1.00 0.00 ? 5  DT A "C2'" 1 
ATOM 90  C "C1'" . DT A 1 5  ? -5.318  0.353   -3.827  1.00 0.00 ? 5  DT A "C1'" 1 
ATOM 91  N N1    . DT A 1 5  ? -4.420  1.332   -3.196  1.00 0.00 ? 5  DT A N1    1 
ATOM 92  C C2    . DT A 1 5  ? -3.553  2.142   -3.923  1.00 0.00 ? 5  DT A C2    1 
ATOM 93  O O2    . DT A 1 5  ? -3.366  2.026   -5.131  1.00 0.00 ? 5  DT A O2    1 
ATOM 94  N N3    . DT A 1 5  ? -2.868  3.096   -3.190  1.00 0.00 ? 5  DT A N3    1 
ATOM 95  C C4    . DT A 1 5  ? -2.983  3.307   -1.830  1.00 0.00 ? 5  DT A C4    1 
ATOM 96  O O4    . DT A 1 5  ? -2.385  4.245   -1.308  1.00 0.00 ? 5  DT A O4    1 
ATOM 97  C C5    . DT A 1 5  ? -3.872  2.382   -1.146  1.00 0.00 ? 5  DT A C5    1 
ATOM 98  C C7    . DT A 1 5  ? -4.041  2.447   0.361   1.00 0.00 ? 5  DT A C7    1 
ATOM 99  C C6    . DT A 1 5  ? -4.544  1.446   -1.858  1.00 0.00 ? 5  DT A C6    1 
ATOM 100 P P     . DG A 1 6  ? -5.766  -3.985  -4.499  1.00 0.00 ? 6  DG A P     1 
ATOM 101 O OP1   . DG A 1 6  ? -6.478  -4.900  -5.416  1.00 0.00 ? 6  DG A OP1   1 
ATOM 102 O OP2   . DG A 1 6  ? -5.400  -4.443  -3.140  1.00 0.00 ? 6  DG A OP2   1 
ATOM 103 O "O5'" . DG A 1 6  ? -4.421  -3.483  -5.237  1.00 0.00 ? 6  DG A "O5'" 1 
ATOM 104 C "C5'" . DG A 1 6  ? -4.446  -3.095  -6.594  1.00 0.00 ? 6  DG A "C5'" 1 
ATOM 105 C "C4'" . DG A 1 6  ? -3.119  -2.464  -7.017  1.00 0.00 ? 6  DG A "C4'" 1 
ATOM 106 O "O4'" . DG A 1 6  ? -2.881  -1.205  -6.405  1.00 0.00 ? 6  DG A "O4'" 1 
ATOM 107 C "C3'" . DG A 1 6  ? -1.887  -3.361  -6.843  1.00 0.00 ? 6  DG A "C3'" 1 
ATOM 108 O "O3'" . DG A 1 6  ? -1.355  -3.774  -8.089  1.00 0.00 ? 6  DG A "O3'" 1 
ATOM 109 C "C2'" . DG A 1 6  ? -0.932  -2.500  -6.037  1.00 0.00 ? 6  DG A "C2'" 1 
ATOM 110 C "C1'" . DG A 1 6  ? -1.502  -1.078  -6.116  1.00 0.00 ? 6  DG A "C1'" 1 
ATOM 111 N N9    . DG A 1 6  ? -1.212  -0.349  -4.872  1.00 0.00 ? 6  DG A N9    1 
ATOM 112 C C8    . DG A 1 6  ? -1.621  -0.671  -3.619  1.00 0.00 ? 6  DG A C8    1 
ATOM 113 N N7    . DG A 1 6  ? -1.210  0.134   -2.679  1.00 0.00 ? 6  DG A N7    1 
ATOM 114 C C5    . DG A 1 6  ? -0.408  1.041   -3.374  1.00 0.00 ? 6  DG A C5    1 
ATOM 115 C C6    . DG A 1 6  ? 0.377   2.138   -2.910  1.00 0.00 ? 6  DG A C6    1 
ATOM 116 O O6    . DG A 1 6  ? 0.348   2.683   -1.810  1.00 0.00 ? 6  DG A O6    1 
ATOM 117 N N1    . DG A 1 6  ? 1.270   2.592   -3.866  1.00 0.00 ? 6  DG A N1    1 
ATOM 118 C C2    . DG A 1 6  ? 1.352   2.098   -5.148  1.00 0.00 ? 6  DG A C2    1 
ATOM 119 N N2    . DG A 1 6  ? 2.279   2.574   -5.966  1.00 0.00 ? 6  DG A N2    1 
ATOM 120 N N3    . DG A 1 6  ? 0.540   1.154   -5.628  1.00 0.00 ? 6  DG A N3    1 
ATOM 121 C C4    . DG A 1 6  ? -0.310  0.667   -4.693  1.00 0.00 ? 6  DG A C4    1 
ATOM 122 P P     . DC A 1 7  ? -0.236  -4.938  -8.189  1.00 0.00 ? 7  DC A P     1 
ATOM 123 O OP1   . DC A 1 7  ? -0.144  -5.361  -9.604  1.00 0.00 ? 7  DC A OP1   1 
ATOM 124 O OP2   . DC A 1 7  ? -0.503  -5.944  -7.139  1.00 0.00 ? 7  DC A OP2   1 
ATOM 125 O "O5'" . DC A 1 7  ? 1.129   -4.170  -7.806  1.00 0.00 ? 7  DC A "O5'" 1 
ATOM 126 C "C5'" . DC A 1 7  ? 1.647   -3.170  -8.657  1.00 0.00 ? 7  DC A "C5'" 1 
ATOM 127 C "C4'" . DC A 1 7  ? 3.055   -2.724  -8.254  1.00 0.00 ? 7  DC A "C4'" 1 
ATOM 128 O "O4'" . DC A 1 7  ? 3.106   -1.776  -7.204  1.00 0.00 ? 7  DC A "O4'" 1 
ATOM 129 C "C3'" . DC A 1 7  ? 3.984   -3.886  -7.898  1.00 0.00 ? 7  DC A "C3'" 1 
ATOM 130 O "O3'" . DC A 1 7  ? 5.195   -3.753  -8.625  1.00 0.00 ? 7  DC A "O3'" 1 
ATOM 131 C "C2'" . DC A 1 7  ? 4.181   -3.686  -6.402  1.00 0.00 ? 7  DC A "C2'" 1 
ATOM 132 C "C1'" . DC A 1 7  ? 4.064   -2.172  -6.228  1.00 0.00 ? 7  DC A "C1'" 1 
ATOM 133 N N1    . DC A 1 7  ? 3.473   -1.782  -4.936  1.00 0.00 ? 7  DC A N1    1 
ATOM 134 C C2    . DC A 1 7  ? 4.123   -0.885  -4.094  1.00 0.00 ? 7  DC A C2    1 
ATOM 135 O O2    . DC A 1 7  ? 5.256   -0.487  -4.342  1.00 0.00 ? 7  DC A O2    1 
ATOM 136 N N3    . DC A 1 7  ? 3.488   -0.453  -2.968  1.00 0.00 ? 7  DC A N3    1 
ATOM 137 C C4    . DC A 1 7  ? 2.279   -0.934  -2.659  1.00 0.00 ? 7  DC A C4    1 
ATOM 138 N N4    . DC A 1 7  ? 1.649   -0.430  -1.604  1.00 0.00 ? 7  DC A N4    1 
ATOM 139 C C5    . DC A 1 7  ? 1.615   -1.887  -3.500  1.00 0.00 ? 7  DC A C5    1 
ATOM 140 C C6    . DC A 1 7  ? 2.233   -2.243  -4.645  1.00 0.00 ? 7  DC A C6    1 
ATOM 141 P P     . DC A 1 8  ? 6.373   -4.860  -8.558  1.00 0.00 ? 8  DC A P     1 
ATOM 142 O OP1   . DC A 1 8  ? 7.222   -4.704  -9.760  1.00 0.00 ? 8  DC A OP1   1 
ATOM 143 O OP2   . DC A 1 8  ? 5.760   -6.173  -8.258  1.00 0.00 ? 8  DC A OP2   1 
ATOM 144 O "O5'" . DC A 1 8  ? 7.235   -4.409  -7.271  1.00 0.00 ? 8  DC A "O5'" 1 
ATOM 145 C "C5'" . DC A 1 8  ? 8.148   -3.332  -7.330  1.00 0.00 ? 8  DC A "C5'" 1 
ATOM 146 C "C4'" . DC A 1 8  ? 8.795   -3.092  -5.962  1.00 0.00 ? 8  DC A "C4'" 1 
ATOM 147 O "O4'" . DC A 1 8  ? 7.883   -2.531  -5.035  1.00 0.00 ? 8  DC A "O4'" 1 
ATOM 148 C "C3'" . DC A 1 8  ? 9.401   -4.357  -5.339  1.00 0.00 ? 8  DC A "C3'" 1 
ATOM 149 O "O3'" . DC A 1 8  ? 10.815  -4.216  -5.312  1.00 0.00 ? 8  DC A "O3'" 1 
ATOM 150 C "C2'" . DC A 1 8  ? 8.768   -4.412  -3.959  1.00 0.00 ? 8  DC A "C2'" 1 
ATOM 151 C "C1'" . DC A 1 8  ? 8.179   -3.027  -3.743  1.00 0.00 ? 8  DC A "C1'" 1 
ATOM 152 N N1    . DC A 1 8  ? 6.970   -3.025  -2.891  1.00 0.00 ? 8  DC A N1    1 
ATOM 153 C C2    . DC A 1 8  ? 6.887   -2.163  -1.804  1.00 0.00 ? 8  DC A C2    1 
ATOM 154 O O2    . DC A 1 8  ? 7.829   -1.445  -1.491  1.00 0.00 ? 8  DC A O2    1 
ATOM 155 N N3    . DC A 1 8  ? 5.747   -2.140  -1.060  1.00 0.00 ? 8  DC A N3    1 
ATOM 156 C C4    . DC A 1 8  ? 4.714   -2.923  -1.388  1.00 0.00 ? 8  DC A C4    1 
ATOM 157 N N4    . DC A 1 8  ? 3.617   -2.864  -0.644  1.00 0.00 ? 8  DC A N4    1 
ATOM 158 C C5    . DC A 1 8  ? 4.768   -3.813  -2.510  1.00 0.00 ? 8  DC A C5    1 
ATOM 159 C C6    . DC A 1 8  ? 5.918   -3.823  -3.221  1.00 0.00 ? 8  DC A C6    1 
ATOM 160 P P     . DT A 1 9  ? 11.804  -5.253  -4.559  1.00 0.00 ? 9  DT A P     1 
ATOM 161 O OP1   . DT A 1 9  ? 13.160  -5.091  -5.129  1.00 0.00 ? 9  DT A OP1   1 
ATOM 162 O OP2   . DT A 1 9  ? 11.165  -6.586  -4.549  1.00 0.00 ? 9  DT A OP2   1 
ATOM 163 O "O5'" . DT A 1 9  ? 11.830  -4.695  -3.041  1.00 0.00 ? 9  DT A "O5'" 1 
ATOM 164 C "C5'" . DT A 1 9  ? 12.342  -3.411  -2.735  1.00 0.00 ? 9  DT A "C5'" 1 
ATOM 165 C "C4'" . DT A 1 9  ? 12.202  -3.103  -1.238  1.00 0.00 ? 9  DT A "C4'" 1 
ATOM 166 O "O4'" . DT A 1 9  ? 10.848  -2.907  -0.854  1.00 0.00 ? 9  DT A "O4'" 1 
ATOM 167 C "C3'" . DT A 1 9  ? 12.825  -4.191  -0.356  1.00 0.00 ? 9  DT A "C3'" 1 
ATOM 168 O "O3'" . DT A 1 9  ? 13.816  -3.587  0.462   1.00 0.00 ? 9  DT A "O3'" 1 
ATOM 169 C "C2'" . DT A 1 9  ? 11.631  -4.674  0.457   1.00 0.00 ? 9  DT A "C2'" 1 
ATOM 170 C "C1'" . DT A 1 9  ? 10.614  -3.541  0.389   1.00 0.00 ? 9  DT A "C1'" 1 
ATOM 171 N N1    . DT A 1 9  ? 9.208   -3.981  0.528   1.00 0.00 ? 9  DT A N1    1 
ATOM 172 C C2    . DT A 1 9  ? 8.358   -3.383  1.453   1.00 0.00 ? 9  DT A C2    1 
ATOM 173 O O2    . DT A 1 9  ? 8.710   -2.503  2.232   1.00 0.00 ? 9  DT A O2    1 
ATOM 174 N N3    . DT A 1 9  ? 7.062   -3.859  1.475   1.00 0.00 ? 9  DT A N3    1 
ATOM 175 C C4    . DT A 1 9  ? 6.539   -4.838  0.655   1.00 0.00 ? 9  DT A C4    1 
ATOM 176 O O4    . DT A 1 9  ? 5.351   -5.142  0.733   1.00 0.00 ? 9  DT A O4    1 
ATOM 177 C C5    . DT A 1 9  ? 7.499   -5.436  -0.253  1.00 0.00 ? 9  DT A C5    1 
ATOM 178 C C7    . DT A 1 9  ? 7.073   -6.589  -1.140  1.00 0.00 ? 9  DT A C7    1 
ATOM 179 C C6    . DT A 1 9  ? 8.776   -4.987  -0.274  1.00 0.00 ? 9  DT A C6    1 
ATOM 180 P P     . DT A 1 10 ? 14.664  -4.418  1.555   1.00 0.00 ? 10 DT A P     1 
ATOM 181 O OP1   . DT A 1 10 ? 15.902  -3.662  1.849   1.00 0.00 ? 10 DT A OP1   1 
ATOM 182 O OP2   . DT A 1 10 ? 14.748  -5.827  1.113   1.00 0.00 ? 10 DT A OP2   1 
ATOM 183 O "O5'" . DT A 1 10 ? 13.715  -4.355  2.857   1.00 0.00 ? 10 DT A "O5'" 1 
ATOM 184 C "C5'" . DT A 1 10 ? 13.535  -3.155  3.581   1.00 0.00 ? 10 DT A "C5'" 1 
ATOM 185 C "C4'" . DT A 1 10 ? 12.586  -3.367  4.763   1.00 0.00 ? 10 DT A "C4'" 1 
ATOM 186 O "O4'" . DT A 1 10 ? 11.225  -3.513  4.385   1.00 0.00 ? 10 DT A "O4'" 1 
ATOM 187 C "C3'" . DT A 1 10 ? 12.975  -4.552  5.654   1.00 0.00 ? 10 DT A "C3'" 1 
ATOM 188 O "O3'" . DT A 1 10 ? 13.540  -4.109  6.881   1.00 0.00 ? 10 DT A "O3'" 1 
ATOM 189 C "C2'" . DT A 1 10 ? 11.696  -5.334  5.784   1.00 0.00 ? 10 DT A "C2'" 1 
ATOM 190 C "C1'" . DT A 1 10 ? 10.591  -4.428  5.265   1.00 0.00 ? 10 DT A "C1'" 1 
ATOM 191 N N1    . DT A 1 10 ? 9.488   -5.135  4.590   1.00 0.00 ? 10 DT A N1    1 
ATOM 192 C C2    . DT A 1 10 ? 8.168   -4.972  5.006   1.00 0.00 ? 10 DT A C2    1 
ATOM 193 O O2    . DT A 1 10 ? 7.832   -4.253  5.943   1.00 0.00 ? 10 DT A O2    1 
ATOM 194 N N3    . DT A 1 10 ? 7.223   -5.691  4.304   1.00 0.00 ? 10 DT A N3    1 
ATOM 195 C C4    . DT A 1 10 ? 7.475   -6.578  3.280   1.00 0.00 ? 10 DT A C4    1 
ATOM 196 O O4    . DT A 1 10 ? 6.533   -7.123  2.709   1.00 0.00 ? 10 DT A O4    1 
ATOM 197 C C5    . DT A 1 10 ? 8.882   -6.729  2.944   1.00 0.00 ? 10 DT A C5    1 
ATOM 198 C C7    . DT A 1 10 ? 9.325   -7.787  1.950   1.00 0.00 ? 10 DT A C7    1 
ATOM 199 C C6    . DT A 1 10 ? 9.814   -5.992  3.596   1.00 0.00 ? 10 DT A C6    1 
ATOM 200 P P     . DG A 1 11 ? 14.043  -5.126  8.038   1.00 0.00 ? 11 DG A P     1 
ATOM 201 O OP1   . DG A 1 11 ? 14.973  -4.389  8.922   1.00 0.00 ? 11 DG A OP1   1 
ATOM 202 O OP2   . DG A 1 11 ? 14.480  -6.386  7.398   1.00 0.00 ? 11 DG A OP2   1 
ATOM 203 O "O5'" . DG A 1 11 ? 12.695  -5.429  8.875   1.00 0.00 ? 11 DG A "O5'" 1 
ATOM 204 C "C5'" . DG A 1 11 ? 12.014  -4.394  9.558   1.00 0.00 ? 11 DG A "C5'" 1 
ATOM 205 C "C4'" . DG A 1 11 ? 10.715  -4.905  10.191  1.00 0.00 ? 11 DG A "C4'" 1 
ATOM 206 O "O4'" . DG A 1 11 ? 9.730   -5.203  9.207   1.00 0.00 ? 11 DG A "O4'" 1 
ATOM 207 C "C3'" . DG A 1 11 ? 10.928  -6.143  11.068  1.00 0.00 ? 11 DG A "C3'" 1 
ATOM 208 O "O3'" . DG A 1 11 ? 10.131  -5.979  12.232  1.00 0.00 ? 11 DG A "O3'" 1 
ATOM 209 C "C2'" . DG A 1 11 ? 10.364  -7.241  10.170  1.00 0.00 ? 11 DG A "C2'" 1 
ATOM 210 C "C1'" . DG A 1 11 ? 9.288   -6.540  9.368   1.00 0.00 ? 11 DG A "C1'" 1 
ATOM 211 N N9    . DG A 1 11 ? 8.839   -7.180  8.113   1.00 0.00 ? 11 DG A N9    1 
ATOM 212 C C8    . DG A 1 11 ? 9.598   -7.735  7.126   1.00 0.00 ? 11 DG A C8    1 
ATOM 213 N N7    . DG A 1 11 ? 8.935   -8.227  6.123   1.00 0.00 ? 11 DG A N7    1 
ATOM 214 C C5    . DG A 1 11 ? 7.612   -8.038  6.503   1.00 0.00 ? 11 DG A C5    1 
ATOM 215 C C6    . DG A 1 11 ? 6.416   -8.501  5.889   1.00 0.00 ? 11 DG A C6    1 
ATOM 216 O O6    . DG A 1 11 ? 6.309   -9.111  4.830   1.00 0.00 ? 11 DG A O6    1 
ATOM 217 N N1    . DG A 1 11 ? 5.285   -8.245  6.646   1.00 0.00 ? 11 DG A N1    1 
ATOM 218 C C2    . DG A 1 11 ? 5.301   -7.598  7.856   1.00 0.00 ? 11 DG A C2    1 
ATOM 219 N N2    . DG A 1 11 ? 4.161   -7.511  8.531   1.00 0.00 ? 11 DG A N2    1 
ATOM 220 N N3    . DG A 1 11 ? 6.415   -7.147  8.441   1.00 0.00 ? 11 DG A N3    1 
ATOM 221 C C4    . DG A 1 11 ? 7.538   -7.407  7.721   1.00 0.00 ? 11 DG A C4    1 
ATOM 222 P P     . DA A 1 12 ? 9.812   -7.180  13.269  1.00 0.00 ? 12 DA A P     1 
ATOM 223 O OP1   . DA A 1 12 ? 9.512   -6.579  14.587  1.00 0.00 ? 12 DA A OP1   1 
ATOM 224 O OP2   . DA A 1 12 ? 10.884  -8.194  13.157  1.00 0.00 ? 12 DA A OP2   1 
ATOM 225 O "O5'" . DA A 1 12 ? 8.441   -7.815  12.673  1.00 0.00 ? 12 DA A "O5'" 1 
ATOM 226 C "C5'" . DA A 1 12 ? 7.229   -7.077  12.685  1.00 0.00 ? 12 DA A "C5'" 1 
ATOM 227 C "C4'" . DA A 1 12 ? 5.977   -7.951  12.765  1.00 0.00 ? 12 DA A "C4'" 1 
ATOM 228 O "O4'" . DA A 1 12 ? 5.554   -8.348  11.484  1.00 0.00 ? 12 DA A "O4'" 1 
ATOM 229 C "C3'" . DA A 1 12 ? 6.160   -9.163  13.690  1.00 0.00 ? 12 DA A "C3'" 1 
ATOM 230 O "O3'" . DA A 1 12 ? 4.970   -9.286  14.453  1.00 0.00 ? 12 DA A "O3'" 1 
ATOM 231 C "C2'" . DA A 1 12 ? 6.263   -10.249 12.627  1.00 0.00 ? 12 DA A "C2'" 1 
ATOM 232 C "C1'" . DA A 1 12 ? 5.396   -9.739  11.484  1.00 0.00 ? 12 DA A "C1'" 1 
ATOM 233 N N9    . DA A 1 12 ? 5.800   -10.242 10.180  1.00 0.00 ? 12 DA A N9    1 
ATOM 234 C C8    . DA A 1 12 ? 7.003   -10.009 9.624   1.00 0.00 ? 12 DA A C8    1 
ATOM 235 N N7    . DA A 1 12 ? 7.150   -10.484 8.415   1.00 0.00 ? 12 DA A N7    1 
ATOM 236 C C5    . DA A 1 12 ? 5.887   -11.021 8.145   1.00 0.00 ? 12 DA A C5    1 
ATOM 237 C C6    . DA A 1 12 ? 5.304   -11.621 7.013   1.00 0.00 ? 12 DA A C6    1 
ATOM 238 N N6    . DA A 1 12 ? 5.967   -11.847 5.880   1.00 0.00 ? 12 DA A N6    1 
ATOM 239 N N1    . DA A 1 12 ? 3.998   -11.929 7.046   1.00 0.00 ? 12 DA A N1    1 
ATOM 240 C C2    . DA A 1 12 ? 3.291   -11.645 8.135   1.00 0.00 ? 12 DA A C2    1 
ATOM 241 N N3    . DA A 1 12 ? 3.716   -11.112 9.269   1.00 0.00 ? 12 DA A N3    1 
ATOM 242 C C4    . DA A 1 12 ? 5.038   -10.821 9.204   1.00 0.00 ? 12 DA A C4    1 
ATOM 243 P P     . DG A 1 13 ? 4.660   -10.559 15.398  1.00 0.00 ? 13 DG A P     1 
ATOM 244 O OP1   . DG A 1 13 ? 3.910   -10.084 16.582  1.00 0.00 ? 13 DG A OP1   1 
ATOM 245 O OP2   . DG A 1 13 ? 5.905   -11.334 15.578  1.00 0.00 ? 13 DG A OP2   1 
ATOM 246 O "O5'" . DG A 1 13 ? 3.653   -11.425 14.481  1.00 0.00 ? 13 DG A "O5'" 1 
ATOM 247 C "C5'" . DG A 1 13 ? 2.335   -10.975 14.216  1.00 0.00 ? 13 DG A "C5'" 1 
ATOM 248 C "C4'" . DG A 1 13 ? 1.561   -12.015 13.397  1.00 0.00 ? 13 DG A "C4'" 1 
ATOM 249 O "O4'" . DG A 1 13 ? 2.183   -12.155 12.129  1.00 0.00 ? 13 DG A "O4'" 1 
ATOM 250 C "C3'" . DG A 1 13 ? 1.555   -13.392 14.078  1.00 0.00 ? 13 DG A "C3'" 1 
ATOM 251 O "O3'" . DG A 1 13 ? 0.277   -13.985 13.980  1.00 0.00 ? 13 DG A "O3'" 1 
ATOM 252 C "C2'" . DG A 1 13 ? 2.543   -14.178 13.235  1.00 0.00 ? 13 DG A "C2'" 1 
ATOM 253 C "C1'" . DG A 1 13 ? 2.365   -13.533 11.872  1.00 0.00 ? 13 DG A "C1'" 1 
ATOM 254 N N9    . DG A 1 13 ? 3.488   -13.814 10.961  1.00 0.00 ? 13 DG A N9    1 
ATOM 255 C C8    . DG A 1 13 ? 4.819   -13.607 11.181  1.00 0.00 ? 13 DG A C8    1 
ATOM 256 N N7    . DG A 1 13 ? 5.594   -13.946 10.191  1.00 0.00 ? 13 DG A N7    1 
ATOM 257 C C5    . DG A 1 13 ? 4.702   -14.432 9.239   1.00 0.00 ? 13 DG A C5    1 
ATOM 258 C C6    . DG A 1 13 ? 4.937   -14.949 7.933   1.00 0.00 ? 13 DG A C6    1 
ATOM 259 O O6    . DG A 1 13 ? 6.016   -15.096 7.364   1.00 0.00 ? 13 DG A O6    1 
ATOM 260 N N1    . DG A 1 13 ? 3.770   -15.301 7.275   1.00 0.00 ? 13 DG A N1    1 
ATOM 261 C C2    . DG A 1 13 ? 2.512   -15.192 7.819   1.00 0.00 ? 13 DG A C2    1 
ATOM 262 N N2    . DG A 1 13 ? 1.474   -15.593 7.097   1.00 0.00 ? 13 DG A N2    1 
ATOM 263 N N3    . DG A 1 13 ? 2.280   -14.732 9.051   1.00 0.00 ? 13 DG A N3    1 
ATOM 264 C C4    . DG A 1 13 ? 3.412   -14.361 9.705   1.00 0.00 ? 13 DG A C4    1 
ATOM 265 O "O5'" . DC B 2 1  ? 3.388   -18.285 -1.433  1.00 0.00 ? 14 DC B "O5'" 1 
ATOM 266 C "C5'" . DC B 2 1  ? 2.339   -19.178 -1.127  1.00 0.00 ? 14 DC B "C5'" 1 
ATOM 267 C "C4'" . DC B 2 1  ? 1.515   -18.659 0.055   1.00 0.00 ? 14 DC B "C4'" 1 
ATOM 268 O "O4'" . DC B 2 1  ? 2.378   -18.431 1.154   1.00 0.00 ? 14 DC B "O4'" 1 
ATOM 269 C "C3'" . DC B 2 1  ? 0.786   -17.344 -0.257  1.00 0.00 ? 14 DC B "C3'" 1 
ATOM 270 O "O3'" . DC B 2 1  ? -0.594  -17.494 0.028   1.00 0.00 ? 14 DC B "O3'" 1 
ATOM 271 C "C2'" . DC B 2 1  ? 1.462   -16.344 0.678   1.00 0.00 ? 14 DC B "C2'" 1 
ATOM 272 C "C1'" . DC B 2 1  ? 1.984   -17.239 1.799   1.00 0.00 ? 14 DC B "C1'" 1 
ATOM 273 N N1    . DC B 2 1  ? 3.152   -16.641 2.501   1.00 0.00 ? 14 DC B N1    1 
ATOM 274 C C2    . DC B 2 1  ? 3.039   -16.315 3.847   1.00 0.00 ? 14 DC B C2    1 
ATOM 275 O O2    . DC B 2 1  ? 1.974   -16.435 4.447   1.00 0.00 ? 14 DC B O2    1 
ATOM 276 N N3    . DC B 2 1  ? 4.130   -15.845 4.514   1.00 0.00 ? 14 DC B N3    1 
ATOM 277 C C4    . DC B 2 1  ? 5.290   -15.668 3.871   1.00 0.00 ? 14 DC B C4    1 
ATOM 278 N N4    . DC B 2 1  ? 6.340   -15.240 4.560   1.00 0.00 ? 14 DC B N4    1 
ATOM 279 C C5    . DC B 2 1  ? 5.431   -15.970 2.482   1.00 0.00 ? 14 DC B C5    1 
ATOM 280 C C6    . DC B 2 1  ? 4.345   -16.462 1.846   1.00 0.00 ? 14 DC B C6    1 
ATOM 281 P P     . DT B 2 2  ? -1.673  -16.343 -0.319  1.00 0.00 ? 15 DT B P     1 
ATOM 282 O OP1   . DT B 2 2  ? -2.980  -16.996 -0.553  1.00 0.00 ? 15 DT B OP1   1 
ATOM 283 O OP2   . DT B 2 2  ? -1.099  -15.457 -1.355  1.00 0.00 ? 15 DT B OP2   1 
ATOM 284 O "O5'" . DT B 2 2  ? -1.765  -15.506 1.055   1.00 0.00 ? 15 DT B "O5'" 1 
ATOM 285 C "C5'" . DT B 2 2  ? -2.481  -16.004 2.167   1.00 0.00 ? 15 DT B "C5'" 1 
ATOM 286 C "C4'" . DT B 2 2  ? -2.548  -14.959 3.283   1.00 0.00 ? 15 DT B "C4'" 1 
ATOM 287 O "O4'" . DT B 2 2  ? -1.281  -14.790 3.897   1.00 0.00 ? 15 DT B "O4'" 1 
ATOM 288 C "C3'" . DT B 2 2  ? -3.052  -13.588 2.808   1.00 0.00 ? 15 DT B "C3'" 1 
ATOM 289 O "O3'" . DT B 2 2  ? -4.218  -13.220 3.536   1.00 0.00 ? 15 DT B "O3'" 1 
ATOM 290 C "C2'" . DT B 2 2  ? -1.873  -12.668 3.032   1.00 0.00 ? 15 DT B "C2'" 1 
ATOM 291 C "C1'" . DT B 2 2  ? -1.011  -13.411 4.055   1.00 0.00 ? 15 DT B "C1'" 1 
ATOM 292 N N1    . DT B 2 2  ? 0.433   -13.155 3.911   1.00 0.00 ? 15 DT B N1    1 
ATOM 293 C C2    . DT B 2 2  ? 1.211   -12.904 5.034   1.00 0.00 ? 15 DT B C2    1 
ATOM 294 O O2    . DT B 2 2  ? 0.757   -12.786 6.168   1.00 0.00 ? 15 DT B O2    1 
ATOM 295 N N3    . DT B 2 2  ? 2.562   -12.758 4.808   1.00 0.00 ? 15 DT B N3    1 
ATOM 296 C C4    . DT B 2 2  ? 3.202   -12.833 3.592   1.00 0.00 ? 15 DT B C4    1 
ATOM 297 O O4    . DT B 2 2  ? 4.422   -12.700 3.538   1.00 0.00 ? 15 DT B O4    1 
ATOM 298 C C5    . DT B 2 2  ? 2.315   -13.060 2.463   1.00 0.00 ? 15 DT B C5    1 
ATOM 299 C C7    . DT B 2 2  ? 2.888   -13.076 1.060   1.00 0.00 ? 15 DT B C7    1 
ATOM 300 C C6    . DT B 2 2  ? 0.979   -13.217 2.668   1.00 0.00 ? 15 DT B C6    1 
ATOM 301 P P     . DC B 2 3  ? -4.939  -11.774 3.398   1.00 0.00 ? 16 DC B P     1 
ATOM 302 O OP1   . DC B 2 3  ? -6.295  -11.882 3.978   1.00 0.00 ? 16 DC B OP1   1 
ATOM 303 O OP2   . DC B 2 3  ? -4.768  -11.300 2.008   1.00 0.00 ? 16 DC B OP2   1 
ATOM 304 O "O5'" . DC B 2 3  ? -4.055  -10.829 4.369   1.00 0.00 ? 16 DC B "O5'" 1 
ATOM 305 C "C5'" . DC B 2 3  ? -3.946  -11.109 5.749   1.00 0.00 ? 16 DC B "C5'" 1 
ATOM 306 C "C4'" . DC B 2 3  ? -2.804  -10.317 6.391   1.00 0.00 ? 16 DC B "C4'" 1 
ATOM 307 O "O4'" . DC B 2 3  ? -1.471  -10.671 6.037   1.00 0.00 ? 16 DC B "O4'" 1 
ATOM 308 C "C3'" . DC B 2 3  ? -2.981  -8.831  6.576   1.00 0.00 ? 16 DC B "C3'" 1 
ATOM 309 O "O3'" . DC B 2 3  ? -3.656  -8.506  7.781   1.00 0.00 ? 16 DC B "O3'" 1 
ATOM 310 C "C2'" . DC B 2 3  ? -1.514  -8.431  6.523   1.00 0.00 ? 16 DC B "C2'" 1 
ATOM 311 C "C1'" . DC B 2 3  ? -0.605  -9.646  6.501   1.00 0.00 ? 16 DC B "C1'" 1 
ATOM 312 N N1    . DC B 2 3  ? 0.587   -9.471  5.618   1.00 0.00 ? 16 DC B N1    1 
ATOM 313 C C2    . DC B 2 3  ? 1.828   -9.177  6.179   1.00 0.00 ? 16 DC B C2    1 
ATOM 314 O O2    . DC B 2 3  ? 1.941   -8.844  7.356   1.00 0.00 ? 16 DC B O2    1 
ATOM 315 N N3    . DC B 2 3  ? 2.945   -9.241  5.400   1.00 0.00 ? 16 DC B N3    1 
ATOM 316 C C4    . DC B 2 3  ? 2.841   -9.535  4.101   1.00 0.00 ? 16 DC B C4    1 
ATOM 317 N N4    . DC B 2 3  ? 3.946   -9.636  3.375   1.00 0.00 ? 16 DC B N4    1 
ATOM 318 C C5    . DC B 2 3  ? 1.572   -9.673  3.464   1.00 0.00 ? 16 DC B C5    1 
ATOM 319 C C6    . DC B 2 3  ? 0.485   -9.621  4.264   1.00 0.00 ? 16 DC B C6    1 
ATOM 320 P P     . DA B 2 4  ? -4.314  -7.054  8.014   1.00 0.00 ? 17 DA B P     1 
ATOM 321 O OP1   . DA B 2 4  ? -5.125  -7.107  9.250   1.00 0.00 ? 17 DA B OP1   1 
ATOM 322 O OP2   . DA B 2 4  ? -4.935  -6.608  6.747   1.00 0.00 ? 17 DA B OP2   1 
ATOM 323 O "O5'" . DA B 2 4  ? -3.025  -6.139  8.288   1.00 0.00 ? 17 DA B "O5'" 1 
ATOM 324 C "C5'" . DA B 2 4  ? -2.424  -6.082  9.566   1.00 0.00 ? 17 DA B "C5'" 1 
ATOM 325 C "C4'" . DA B 2 4  ? -1.288  -5.061  9.562   1.00 0.00 ? 17 DA B "C4'" 1 
ATOM 326 O "O4'" . DA B 2 4  ? -0.163  -5.551  8.852   1.00 0.00 ? 17 DA B "O4'" 1 
ATOM 327 C "C3'" . DA B 2 4  ? -1.725  -3.731  8.932   1.00 0.00 ? 17 DA B "C3'" 1 
ATOM 328 O "O3'" . DA B 2 4  ? -1.387  -2.673  9.813   1.00 0.00 ? 17 DA B "O3'" 1 
ATOM 329 C "C2'" . DA B 2 4  ? -0.957  -3.710  7.626   1.00 0.00 ? 17 DA B "C2'" 1 
ATOM 330 C "C1'" . DA B 2 4  ? 0.258   -4.579  7.915   1.00 0.00 ? 17 DA B "C1'" 1 
ATOM 331 N N9    . DA B 2 4  ? 0.850   -5.172  6.703   1.00 0.00 ? 17 DA B N9    1 
ATOM 332 C C8    . DA B 2 4  ? 0.222   -5.858  5.700   1.00 0.00 ? 17 DA B C8    1 
ATOM 333 N N7    . DA B 2 4  ? 1.022   -6.306  4.769   1.00 0.00 ? 17 DA B N7    1 
ATOM 334 C C5    . DA B 2 4  ? 2.273   -5.858  5.184   1.00 0.00 ? 17 DA B C5    1 
ATOM 335 C C6    . DA B 2 4  ? 3.568   -5.979  4.647   1.00 0.00 ? 17 DA B C6    1 
ATOM 336 N N6    . DA B 2 4  ? 3.809   -6.593  3.492   1.00 0.00 ? 17 DA B N6    1 
ATOM 337 N N1    . DA B 2 4  ? 4.600   -5.425  5.303   1.00 0.00 ? 17 DA B N1    1 
ATOM 338 C C2    . DA B 2 4  ? 4.366   -4.773  6.439   1.00 0.00 ? 17 DA B C2    1 
ATOM 339 N N3    . DA B 2 4  ? 3.202   -4.578  7.042   1.00 0.00 ? 17 DA B N3    1 
ATOM 340 C C4    . DA B 2 4  ? 2.181   -5.158  6.357   1.00 0.00 ? 17 DA B C4    1 
ATOM 341 P P     . DA B 2 5  ? -1.597  -1.114  9.446   1.00 0.00 ? 18 DA B P     1 
ATOM 342 O OP1   . DA B 2 5  ? -1.988  -0.399  10.681  1.00 0.00 ? 18 DA B OP1   1 
ATOM 343 O OP2   . DA B 2 5  ? -2.443  -1.014  8.237   1.00 0.00 ? 18 DA B OP2   1 
ATOM 344 O "O5'" . DA B 2 5  ? -0.097  -0.662  9.059   1.00 0.00 ? 18 DA B "O5'" 1 
ATOM 345 C "C5'" . DA B 2 5  ? 0.925   -0.666  10.035  1.00 0.00 ? 18 DA B "C5'" 1 
ATOM 346 C "C4'" . DA B 2 5  ? 2.251   -0.174  9.452   1.00 0.00 ? 18 DA B "C4'" 1 
ATOM 347 O "O4'" . DA B 2 5  ? 2.725   -1.026  8.428   1.00 0.00 ? 18 DA B "O4'" 1 
ATOM 348 C "C3'" . DA B 2 5  ? 2.215   1.272   8.946   1.00 0.00 ? 18 DA B "C3'" 1 
ATOM 349 O "O3'" . DA B 2 5  ? 3.346   1.981   9.412   1.00 0.00 ? 18 DA B "O3'" 1 
ATOM 350 C "C2'" . DA B 2 5  ? 2.221   1.084   7.434   1.00 0.00 ? 18 DA B "C2'" 1 
ATOM 351 C "C1'" . DA B 2 5  ? 2.967   -0.238  7.289   1.00 0.00 ? 18 DA B "C1'" 1 
ATOM 352 N N9    . DA B 2 5  ? 2.869   -0.977  6.023   1.00 0.00 ? 18 DA B N9    1 
ATOM 353 C C8    . DA B 2 5  ? 1.726   -1.372  5.417   1.00 0.00 ? 18 DA B C8    1 
ATOM 354 N N7    . DA B 2 5  ? 1.869   -2.172  4.400   1.00 0.00 ? 18 DA B N7    1 
ATOM 355 C C5    . DA B 2 5  ? 3.252   -2.255  4.292   1.00 0.00 ? 18 DA B C5    1 
ATOM 356 C C6    . DA B 2 5  ? 4.088   -2.913  3.382   1.00 0.00 ? 18 DA B C6    1 
ATOM 357 N N6    . DA B 2 5  ? 3.583   -3.654  2.400   1.00 0.00 ? 18 DA B N6    1 
ATOM 358 N N1    . DA B 2 5  ? 5.420   -2.785  3.501   1.00 0.00 ? 18 DA B N1    1 
ATOM 359 C C2    . DA B 2 5  ? 5.899   -2.050  4.503   1.00 0.00 ? 18 DA B C2    1 
ATOM 360 N N3    . DA B 2 5  ? 5.222   -1.382  5.431   1.00 0.00 ? 18 DA B N3    1 
ATOM 361 C C4    . DA B 2 5  ? 3.879   -1.521  5.264   1.00 0.00 ? 18 DA B C4    1 
ATOM 362 P P     . DG B 2 6  ? 3.522   3.562   9.143   1.00 0.00 ? 19 DG B P     1 
ATOM 363 O OP1   . DG B 2 6  ? 4.083   4.179   10.365  1.00 0.00 ? 19 DG B OP1   1 
ATOM 364 O OP2   . DG B 2 6  ? 2.267   4.091   8.563   1.00 0.00 ? 19 DG B OP2   1 
ATOM 365 O "O5'" . DG B 2 6  ? 4.649   3.584   7.994   1.00 0.00 ? 19 DG B "O5'" 1 
ATOM 366 C "C5'" . DG B 2 6  ? 6.012   3.400   8.316   1.00 0.00 ? 19 DG B "C5'" 1 
ATOM 367 C "C4'" . DG B 2 6  ? 6.901   3.685   7.106   1.00 0.00 ? 19 DG B "C4'" 1 
ATOM 368 O "O4'" . DG B 2 6  ? 6.874   2.606   6.181   1.00 0.00 ? 19 DG B "O4'" 1 
ATOM 369 C "C3'" . DG B 2 6  ? 6.536   4.991   6.389   1.00 0.00 ? 19 DG B "C3'" 1 
ATOM 370 O "O3'" . DG B 2 6  ? 7.663   5.836   6.211   1.00 0.00 ? 19 DG B "O3'" 1 
ATOM 371 C "C2'" . DG B 2 6  ? 5.983   4.488   5.064   1.00 0.00 ? 19 DG B "C2'" 1 
ATOM 372 C "C1'" . DG B 2 6  ? 6.532   3.079   4.893   1.00 0.00 ? 19 DG B "C1'" 1 
ATOM 373 N N9    . DG B 2 6  ? 5.576   2.204   4.194   1.00 0.00 ? 19 DG B N9    1 
ATOM 374 C C8    . DG B 2 6  ? 4.249   2.055   4.452   1.00 0.00 ? 19 DG B C8    1 
ATOM 375 N N7    . DG B 2 6  ? 3.633   1.201   3.682   1.00 0.00 ? 19 DG B N7    1 
ATOM 376 C C5    . DG B 2 6  ? 4.634   0.784   2.805   1.00 0.00 ? 19 DG B C5    1 
ATOM 377 C C6    . DG B 2 6  ? 4.587   -0.111  1.695   1.00 0.00 ? 19 DG B C6    1 
ATOM 378 O O6    . DG B 2 6  ? 3.633   -0.771  1.289   1.00 0.00 ? 19 DG B O6    1 
ATOM 379 N N1    . DG B 2 6  ? 5.803   -0.213  1.034   1.00 0.00 ? 19 DG B N1    1 
ATOM 380 C C2    . DG B 2 6  ? 6.941   0.466   1.403   1.00 0.00 ? 19 DG B C2    1 
ATOM 381 N N2    . DG B 2 6  ? 8.039   0.325   0.674   1.00 0.00 ? 19 DG B N2    1 
ATOM 382 N N3    . DG B 2 6  ? 6.997   1.308   2.436   1.00 0.00 ? 19 DG B N3    1 
ATOM 383 C C4    . DG B 2 6  ? 5.817   1.418   3.097   1.00 0.00 ? 19 DG B C4    1 
ATOM 384 P P     . DG B 2 7  ? 7.519   7.331   5.595   1.00 0.00 ? 20 DG B P     1 
ATOM 385 O OP1   . DG B 2 7  ? 8.677   8.129   6.059   1.00 0.00 ? 20 DG B OP1   1 
ATOM 386 O OP2   . DG B 2 7  ? 6.147   7.820   5.848   1.00 0.00 ? 20 DG B OP2   1 
ATOM 387 O "O5'" . DG B 2 7  ? 7.679   7.098   4.005   1.00 0.00 ? 20 DG B "O5'" 1 
ATOM 388 C "C5'" . DG B 2 7  ? 8.931   6.731   3.470   1.00 0.00 ? 20 DG B "C5'" 1 
ATOM 389 C "C4'" . DG B 2 7  ? 8.882   6.507   1.959   1.00 0.00 ? 20 DG B "C4'" 1 
ATOM 390 O "O4'" . DG B 2 7  ? 8.324   5.286   1.519   1.00 0.00 ? 20 DG B "O4'" 1 
ATOM 391 C "C3'" . DG B 2 7  ? 8.447   7.678   1.074   1.00 0.00 ? 20 DG B "C3'" 1 
ATOM 392 O "O3'" . DG B 2 7  ? 9.502   8.132   0.234   1.00 0.00 ? 20 DG B "O3'" 1 
ATOM 393 C "C2'" . DG B 2 7  ? 7.323   7.036   0.323   1.00 0.00 ? 20 DG B "C2'" 1 
ATOM 394 C "C1'" . DG B 2 7  ? 7.553   5.535   0.363   1.00 0.00 ? 20 DG B "C1'" 1 
ATOM 395 N N9    . DG B 2 7  ? 6.313   4.766   0.435   1.00 0.00 ? 20 DG B N9    1 
ATOM 396 C C8    . DG B 2 7  ? 5.374   4.886   1.398   1.00 0.00 ? 20 DG B C8    1 
ATOM 397 N N7    . DG B 2 7  ? 4.374   4.054   1.286   1.00 0.00 ? 20 DG B N7    1 
ATOM 398 C C5    . DG B 2 7  ? 4.703   3.307   0.149   1.00 0.00 ? 20 DG B C5    1 
ATOM 399 C C6    . DG B 2 7  ? 4.013   2.245   -0.520  1.00 0.00 ? 20 DG B C6    1 
ATOM 400 O O6    . DG B 2 7  ? 2.928   1.743   -0.237  1.00 0.00 ? 20 DG B O6    1 
ATOM 401 N N1    . DG B 2 7  ? 4.712   1.752   -1.614  1.00 0.00 ? 20 DG B N1    1 
ATOM 402 C C2    . DG B 2 7  ? 5.918   2.251   -2.045  1.00 0.00 ? 20 DG B C2    1 
ATOM 403 N N2    . DG B 2 7  ? 6.488   1.727   -3.122  1.00 0.00 ? 20 DG B N2    1 
ATOM 404 N N3    . DG B 2 7  ? 6.551   3.267   -1.459  1.00 0.00 ? 20 DG B N3    1 
ATOM 405 C C4    . DG B 2 7  ? 5.900   3.736   -0.368  1.00 0.00 ? 20 DG B C4    1 
ATOM 406 P P     . DC B 2 8  ? 9.347   9.403   -0.768  1.00 0.00 ? 21 DC B P     1 
ATOM 407 O OP1   . DC B 2 8  ? 10.700  9.787   -1.226  1.00 0.00 ? 21 DC B OP1   1 
ATOM 408 O OP2   . DC B 2 8  ? 8.483   10.409  -0.112  1.00 0.00 ? 21 DC B OP2   1 
ATOM 409 O "O5'" . DC B 2 8  ? 8.544   8.807   -2.039  1.00 0.00 ? 21 DC B "O5'" 1 
ATOM 410 C "C5'" . DC B 2 8  ? 9.120   7.800   -2.847  1.00 0.00 ? 21 DC B "C5'" 1 
ATOM 411 C "C4'" . DC B 2 8  ? 8.121   7.193   -3.840  1.00 0.00 ? 21 DC B "C4'" 1 
ATOM 412 O "O4'" . DC B 2 8  ? 7.221   6.225   -3.335  1.00 0.00 ? 21 DC B "O4'" 1 
ATOM 413 C "C3'" . DC B 2 8  ? 7.390   8.171   -4.762  1.00 0.00 ? 21 DC B "C3'" 1 
ATOM 414 O "O3'" . DC B 2 8  ? 7.952   8.149   -6.070  1.00 0.00 ? 21 DC B "O3'" 1 
ATOM 415 C "C2'" . DC B 2 8  ? 5.989   7.623   -4.712  1.00 0.00 ? 21 DC B "C2'" 1 
ATOM 416 C "C1'" . DC B 2 8  ? 6.050   6.218   -4.146  1.00 0.00 ? 21 DC B "C1'" 1 
ATOM 417 N N1    . DC B 2 8  ? 4.879   5.921   -3.300  1.00 0.00 ? 21 DC B N1    1 
ATOM 418 C C2    . DC B 2 8  ? 3.931   4.985   -3.688  1.00 0.00 ? 21 DC B C2    1 
ATOM 419 O O2    . DC B 2 8  ? 3.990   4.441   -4.787  1.00 0.00 ? 21 DC B O2    1 
ATOM 420 N N3    . DC B 2 8  ? 2.919   4.672   -2.835  1.00 0.00 ? 21 DC B N3    1 
ATOM 421 C C4    . DC B 2 8  ? 2.823   5.302   -1.657  1.00 0.00 ? 21 DC B C4    1 
ATOM 422 N N4    . DC B 2 8  ? 1.870   4.907   -0.823  1.00 0.00 ? 21 DC B N4    1 
ATOM 423 C C5    . DC B 2 8  ? 3.769   6.302   -1.251  1.00 0.00 ? 21 DC B C5    1 
ATOM 424 C C6    . DC B 2 8  ? 4.781   6.562   -2.113  1.00 0.00 ? 21 DC B C6    1 
ATOM 425 P P     . DA B 2 9  ? 7.451   9.132   -7.261  1.00 0.00 ? 22 DA B P     1 
ATOM 426 O OP1   . DA B 2 9  ? 8.446   9.064   -8.354  1.00 0.00 ? 22 DA B OP1   1 
ATOM 427 O OP2   . DA B 2 9  ? 7.109   10.442  -6.666  1.00 0.00 ? 22 DA B OP2   1 
ATOM 428 O "O5'" . DA B 2 9  ? 6.082   8.457   -7.799  1.00 0.00 ? 22 DA B "O5'" 1 
ATOM 429 C "C5'" . DA B 2 9  ? 6.085   7.212   -8.473  1.00 0.00 ? 22 DA B "C5'" 1 
ATOM 430 C "C4'" . DA B 2 9  ? 4.666   6.725   -8.806  1.00 0.00 ? 22 DA B "C4'" 1 
ATOM 431 O "O4'" . DA B 2 9  ? 3.959   6.165   -7.708  1.00 0.00 ? 22 DA B "O4'" 1 
ATOM 432 C "C3'" . DA B 2 9  ? 3.775   7.777   -9.476  1.00 0.00 ? 22 DA B "C3'" 1 
ATOM 433 O "O3'" . DA B 2 9  ? 3.513   7.386   -10.819 1.00 0.00 ? 22 DA B "O3'" 1 
ATOM 434 C "C2'" . DA B 2 9  ? 2.543   7.814   -8.596  1.00 0.00 ? 22 DA B "C2'" 1 
ATOM 435 C "C1'" . DA B 2 9  ? 2.587   6.515   -7.814  1.00 0.00 ? 22 DA B "C1'" 1 
ATOM 436 N N9    . DA B 2 9  ? 1.938   6.622   -6.502  1.00 0.00 ? 22 DA B N9    1 
ATOM 437 C C8    . DA B 2 9  ? 2.283   7.477   -5.506  1.00 0.00 ? 22 DA B C8    1 
ATOM 438 N N7    . DA B 2 9  ? 1.622   7.319   -4.392  1.00 0.00 ? 22 DA B N7    1 
ATOM 439 C C5    . DA B 2 9  ? 0.735   6.290   -4.708  1.00 0.00 ? 22 DA B C5    1 
ATOM 440 C C6    . DA B 2 9  ? -0.266  5.627   -3.980  1.00 0.00 ? 22 DA B C6    1 
ATOM 441 N N6    . DA B 2 9  ? -0.522  5.908   -2.706  1.00 0.00 ? 22 DA B N6    1 
ATOM 442 N N1    . DA B 2 9  ? -0.999  4.681   -4.591  1.00 0.00 ? 22 DA B N1    1 
ATOM 443 C C2    . DA B 2 9  ? -0.750  4.398   -5.866  1.00 0.00 ? 22 DA B C2    1 
ATOM 444 N N3    . DA B 2 9  ? 0.168   4.936   -6.659  1.00 0.00 ? 22 DA B N3    1 
ATOM 445 C C4    . DA B 2 9  ? 0.892   5.882   -6.007  1.00 0.00 ? 22 DA B C4    1 
ATOM 446 P P     . DA B 2 10 ? 2.473   8.163   -11.791 1.00 0.00 ? 23 DA B P     1 
ATOM 447 O OP1   . DA B 2 10 ? 2.841   7.854   -13.190 1.00 0.00 ? 23 DA B OP1   1 
ATOM 448 O OP2   . DA B 2 10 ? 2.384   9.573   -11.349 1.00 0.00 ? 23 DA B OP2   1 
ATOM 449 O "O5'" . DA B 2 10 ? 1.059   7.444   -11.477 1.00 0.00 ? 23 DA B "O5'" 1 
ATOM 450 C "C5'" . DA B 2 10 ? 0.866   6.066   -11.736 1.00 0.00 ? 23 DA B "C5'" 1 
ATOM 451 C "C4'" . DA B 2 10 ? -0.557  5.609   -11.391 1.00 0.00 ? 23 DA B "C4'" 1 
ATOM 452 O "O4'" . DA B 2 10 ? -0.846  5.625   -10.010 1.00 0.00 ? 23 DA B "O4'" 1 
ATOM 453 C "C3'" . DA B 2 10 ? -1.676  6.336   -12.140 1.00 0.00 ? 23 DA B "C3'" 1 
ATOM 454 O "O3'" . DA B 2 10 ? -2.320  5.411   -13.008 1.00 0.00 ? 23 DA B "O3'" 1 
ATOM 455 C "C2'" . DA B 2 10 ? -2.552  6.910   -11.046 1.00 0.00 ? 23 DA B "C2'" 1 
ATOM 456 C "C1'" . DA B 2 10 ? -2.170  6.084   -9.827  1.00 0.00 ? 23 DA B "C1'" 1 
ATOM 457 N N9    . DA B 2 10 ? -2.261  6.853   -8.581  1.00 0.00 ? 23 DA B N9    1 
ATOM 458 C C8    . DA B 2 10 ? -1.622  8.022   -8.286  1.00 0.00 ? 23 DA B C8    1 
ATOM 459 N N7    . DA B 2 10 ? -1.753  8.412   -7.046  1.00 0.00 ? 23 DA B N7    1 
ATOM 460 C C5    . DA B 2 10 ? -2.578  7.432   -6.498  1.00 0.00 ? 23 DA B C5    1 
ATOM 461 C C6    . DA B 2 10 ? -3.124  7.237   -5.218  1.00 0.00 ? 23 DA B C6    1 
ATOM 462 N N6    . DA B 2 10 ? -2.885  8.062   -4.200  1.00 0.00 ? 23 DA B N6    1 
ATOM 463 N N1    . DA B 2 10 ? -3.907  6.168   -5.007  1.00 0.00 ? 23 DA B N1    1 
ATOM 464 C C2    . DA B 2 10 ? -4.134  5.319   -6.004  1.00 0.00 ? 23 DA B C2    1 
ATOM 465 N N3    . DA B 2 10 ? -3.688  5.389   -7.248  1.00 0.00 ? 23 DA B N3    1 
ATOM 466 C C4    . DA B 2 10 ? -2.907  6.484   -7.432  1.00 0.00 ? 23 DA B C4    1 
ATOM 467 P P     . DG B 2 11 ? -3.729  5.694   -13.748 1.00 0.00 ? 24 DG B P     1 
ATOM 468 O OP1   . DG B 2 11 ? -3.797  4.835   -14.950 1.00 0.00 ? 24 DG B OP1   1 
ATOM 469 O OP2   . DG B 2 11 ? -3.908  7.157   -13.878 1.00 0.00 ? 24 DG B OP2   1 
ATOM 470 O "O5'" . DG B 2 11 ? -4.812  5.142   -12.678 1.00 0.00 ? 24 DG B "O5'" 1 
ATOM 471 C "C5'" . DG B 2 11 ? -4.861  3.770   -12.323 1.00 0.00 ? 24 DG B "C5'" 1 
ATOM 472 C "C4'" . DG B 2 11 ? -6.083  3.438   -11.457 1.00 0.00 ? 24 DG B "C4'" 1 
ATOM 473 O "O4'" . DG B 2 11 ? -5.980  4.041   -10.169 1.00 0.00 ? 24 DG B "O4'" 1 
ATOM 474 C "C3'" . DG B 2 11 ? -7.392  3.892   -12.113 1.00 0.00 ? 24 DG B "C3'" 1 
ATOM 475 O "O3'" . DG B 2 11 ? -8.381  2.925   -11.804 1.00 0.00 ? 24 DG B "O3'" 1 
ATOM 476 C "C2'" . DG B 2 11 ? -7.643  5.200   -11.366 1.00 0.00 ? 24 DG B "C2'" 1 
ATOM 477 C "C1'" . DG B 2 11 ? -7.041  4.960   -9.967  1.00 0.00 ? 24 DG B "C1'" 1 
ATOM 478 N N9    . DG B 2 11 ? -6.624  6.175   -9.232  1.00 0.00 ? 24 DG B N9    1 
ATOM 479 C C8    . DG B 2 11 ? -5.969  7.278   -9.700  1.00 0.00 ? 24 DG B C8    1 
ATOM 480 N N7    . DG B 2 11 ? -5.673  8.168   -8.794  1.00 0.00 ? 24 DG B N7    1 
ATOM 481 C C5    . DG B 2 11 ? -6.217  7.633   -7.632  1.00 0.00 ? 24 DG B C5    1 
ATOM 482 C C6    . DG B 2 11 ? -6.274  8.168   -6.312  1.00 0.00 ? 24 DG B C6    1 
ATOM 483 O O6    . DG B 2 11 ? -5.699  9.162   -5.882  1.00 0.00 ? 24 DG B O6    1 
ATOM 484 N N1    . DG B 2 11 ? -7.091  7.433   -5.468  1.00 0.00 ? 24 DG B N1    1 
ATOM 485 C C2    . DG B 2 11 ? -7.721  6.270   -5.827  1.00 0.00 ? 24 DG B C2    1 
ATOM 486 N N2    . DG B 2 11 ? -8.571  5.719   -4.968  1.00 0.00 ? 24 DG B N2    1 
ATOM 487 N N3    . DG B 2 11 ? -7.622  5.723   -7.044  1.00 0.00 ? 24 DG B N3    1 
ATOM 488 C C4    . DG B 2 11 ? -6.856  6.448   -7.901  1.00 0.00 ? 24 DG B C4    1 
ATOM 489 P P     . DC B 2 12 ? -9.946  3.143   -12.133 1.00 0.00 ? 25 DC B P     1 
ATOM 490 O OP1   . DC B 2 12 ? -10.559 1.818   -12.367 1.00 0.00 ? 25 DC B OP1   1 
ATOM 491 O OP2   . DC B 2 12 ? -10.068 4.202   -13.161 1.00 0.00 ? 25 DC B OP2   1 
ATOM 492 O "O5'" . DC B 2 12 ? -10.516 3.730   -10.741 1.00 0.00 ? 25 DC B "O5'" 1 
ATOM 493 C "C5'" . DC B 2 12 ? -10.736 2.888   -9.623  1.00 0.00 ? 25 DC B "C5'" 1 
ATOM 494 C "C4'" . DC B 2 12 ? -11.484 3.639   -8.518  1.00 0.00 ? 25 DC B "C4'" 1 
ATOM 495 O "O4'" . DC B 2 12 ? -10.699 4.605   -7.850  1.00 0.00 ? 25 DC B "O4'" 1 
ATOM 496 C "C3'" . DC B 2 12 ? -12.807 4.267   -8.966  1.00 0.00 ? 25 DC B "C3'" 1 
ATOM 497 O "O3'" . DC B 2 12 ? -13.939 3.515   -8.538  1.00 0.00 ? 25 DC B "O3'" 1 
ATOM 498 C "C2'" . DC B 2 12 ? -12.751 5.657   -8.382  1.00 0.00 ? 25 DC B "C2'" 1 
ATOM 499 C "C1'" . DC B 2 12 ? -11.508 5.715   -7.523  1.00 0.00 ? 25 DC B "C1'" 1 
ATOM 500 N N1    . DC B 2 12 ? -10.761 6.974   -7.692  1.00 0.00 ? 25 DC B N1    1 
ATOM 501 C C2    . DC B 2 12 ? -10.699 7.900   -6.664  1.00 0.00 ? 25 DC B C2    1 
ATOM 502 O O2    . DC B 2 12 ? -11.376 7.767   -5.650  1.00 0.00 ? 25 DC B O2    1 
ATOM 503 N N3    . DC B 2 12 ? -9.882  8.982   -6.796  1.00 0.00 ? 25 DC B N3    1 
ATOM 504 C C4    . DC B 2 12 ? -9.194  9.166   -7.929  1.00 0.00 ? 25 DC B C4    1 
ATOM 505 N N4    . DC B 2 12 ? -8.315  10.159  -7.961  1.00 0.00 ? 25 DC B N4    1 
ATOM 506 C C5    . DC B 2 12 ? -9.308  8.257   -9.037  1.00 0.00 ? 25 DC B C5    1 
ATOM 507 C C6    . DC B 2 12 ? -10.097 7.175   -8.855  1.00 0.00 ? 25 DC B C6    1 
ATOM 508 P P     . DT B 2 13 ? -15.475 4.005   -8.769  1.00 0.00 ? 26 DT B P     1 
ATOM 509 O OP1   . DT B 2 13 ? -16.359 2.835   -8.569  1.00 0.00 ? 26 DT B OP1   1 
ATOM 510 O OP2   . DT B 2 13 ? -15.531 4.755   -10.044 1.00 0.00 ? 26 DT B OP2   1 
ATOM 511 O "O5'" . DT B 2 13 ? -15.760 5.051   -7.561  1.00 0.00 ? 26 DT B "O5'" 1 
ATOM 512 C "C5'" . DT B 2 13 ? -15.648 4.652   -6.206  1.00 0.00 ? 26 DT B "C5'" 1 
ATOM 513 C "C4'" . DT B 2 13 ? -15.767 5.821   -5.214  1.00 0.00 ? 26 DT B "C4'" 1 
ATOM 514 O "O4'" . DT B 2 13 ? -14.665 6.718   -5.237  1.00 0.00 ? 26 DT B "O4'" 1 
ATOM 515 C "C3'" . DT B 2 13 ? -17.062 6.633   -5.306  1.00 0.00 ? 26 DT B "C3'" 1 
ATOM 516 O "O3'" . DT B 2 13 ? -17.884 6.394   -4.184  1.00 0.00 ? 26 DT B "O3'" 1 
ATOM 517 C "C2'" . DT B 2 13 ? -16.606 8.090   -5.334  1.00 0.00 ? 26 DT B "C2'" 1 
ATOM 518 C "C1'" . DT B 2 13 ? -15.111 8.054   -5.028  1.00 0.00 ? 26 DT B "C1'" 1 
ATOM 519 N N1    . DT B 2 13 ? -14.327 9.014   -5.853  1.00 0.00 ? 26 DT B N1    1 
ATOM 520 C C2    . DT B 2 13 ? -13.684 10.093  -5.249  1.00 0.00 ? 26 DT B C2    1 
ATOM 521 O O2    . DT B 2 13 ? -13.828 10.387  -4.065  1.00 0.00 ? 26 DT B O2    1 
ATOM 522 N N3    . DT B 2 13 ? -12.876 10.862  -6.070  1.00 0.00 ? 26 DT B N3    1 
ATOM 523 C C4    . DT B 2 13 ? -12.676 10.664  -7.421  1.00 0.00 ? 26 DT B C4    1 
ATOM 524 O O4    . DT B 2 13 ? -11.909 11.382  -8.054  1.00 0.00 ? 26 DT B O4    1 
ATOM 525 C C5    . DT B 2 13 ? -13.447 9.581   -7.993  1.00 0.00 ? 26 DT B C5    1 
ATOM 526 C C7    . DT B 2 13 ? -13.370 9.320   -9.487  1.00 0.00 ? 26 DT B C7    1 
ATOM 527 C C6    . DT B 2 13 ? -14.230 8.812   -7.202  1.00 0.00 ? 26 DT B C6    1 
# 
